data_7KG4
#
_entry.id   7KG4
#
_cell.length_a   116.209
_cell.length_b   114.694
_cell.length_c   124.293
_cell.angle_alpha   90.000
_cell.angle_beta   96.920
_cell.angle_gamma   90.000
#
_symmetry.space_group_name_H-M   'P 1 21 1'
#
loop_
_entity.id
_entity.type
_entity.pdbx_description
1 polymer 'Beta-2-glycoprotein 1'
2 branched alpha-D-mannopyranose-(1-4)-2-acetamido-2-deoxy-beta-D-glucopyranose-(1-4)-[alpha-L-fucopyranose-(1-6)]2-acetamido-2-deoxy-beta-D-glucopyranose
3 branched 2-acetamido-2-deoxy-beta-D-glucopyranose-(1-4)-[alpha-L-fucopyranose-(1-6)]2-acetamido-2-deoxy-beta-D-glucopyranose
4 branched 2-acetamido-2-deoxy-beta-D-glucopyranose-(1-4)-2-acetamido-2-deoxy-beta-D-glucopyranose
5 non-polymer 2-acetamido-2-deoxy-beta-D-glucopyranose
#
_entity_poly.entity_id   1
_entity_poly.type   'polypeptide(L)'
_entity_poly.pdbx_seq_one_letter_code
;GRTCPKPDDLPFSTVVPLKTFYEPGEEITYSCKPGYVSSEGVGKFICPLTGLWPINTLKCTPRVCPFAGILENGAVRYTT
FEYPNTISFSCNTGFYLNGADSAKCTEEGKWSPELPVCAPIICPPPSIPTFATLRVYKPSAGNNSLYRDTAVFECLPQHA
MFGNDTITCTTHGNWTKLPECREVKCPFPSRPDNGFVNYPAKPTLYYKDKATFGCHDGYSLDGPEEIECTKLGNWSAMPS
CKASCKVPVKKATVVYQGERVKIQEKFKNGMLHGDKVSFFCKNKEKKCSYTEDAQCIDGTIEVPKCFKEHSSLAFWKTDA
SDVKPC
;
_entity_poly.pdbx_strand_id   A,B
#
loop_
_chem_comp.id
_chem_comp.type
_chem_comp.name
_chem_comp.formula
FUC L-saccharide, alpha linking alpha-L-fucopyranose 'C6 H12 O5'
MAN D-saccharide, alpha linking alpha-D-mannopyranose 'C6 H12 O6'
NAG D-saccharide, beta linking 2-acetamido-2-deoxy-beta-D-glucopyranose 'C8 H15 N O6'
#
# COMPACT_ATOMS: atom_id res chain seq x y z
N GLY A 1 39.15 11.38 -76.48
CA GLY A 1 40.54 11.77 -76.62
C GLY A 1 41.51 10.66 -76.28
N ARG A 2 42.67 11.03 -75.73
CA ARG A 2 43.68 10.07 -75.32
C ARG A 2 44.00 10.13 -73.83
N THR A 3 43.48 11.12 -73.11
CA THR A 3 43.50 11.14 -71.66
C THR A 3 42.07 11.33 -71.18
N CYS A 4 41.58 10.41 -70.36
CA CYS A 4 40.19 10.45 -69.94
C CYS A 4 39.95 11.59 -68.95
N PRO A 5 38.75 12.17 -68.95
CA PRO A 5 38.49 13.35 -68.12
C PRO A 5 37.93 13.03 -66.74
N LYS A 6 37.47 14.05 -66.03
CA LYS A 6 36.85 13.85 -64.73
C LYS A 6 35.57 13.04 -64.89
N PRO A 7 35.37 12.01 -64.06
CA PRO A 7 34.21 11.13 -64.26
C PRO A 7 32.90 11.85 -63.97
N ASP A 8 31.82 11.27 -64.48
CA ASP A 8 30.49 11.82 -64.26
C ASP A 8 30.13 11.76 -62.78
N ASP A 9 29.50 12.83 -62.29
CA ASP A 9 29.00 12.83 -60.92
C ASP A 9 27.83 11.87 -60.79
N LEU A 10 28.01 10.82 -59.99
CA LEU A 10 26.90 9.91 -59.79
C LEU A 10 26.22 10.19 -58.46
N PRO A 11 24.89 10.18 -58.41
CA PRO A 11 24.20 10.55 -57.17
C PRO A 11 24.41 9.50 -56.08
N PHE A 12 24.57 9.99 -54.85
CA PHE A 12 24.65 9.14 -53.66
C PHE A 12 25.87 8.22 -53.70
N SER A 13 26.96 8.69 -54.32
CA SER A 13 28.17 7.89 -54.45
C SER A 13 29.37 8.82 -54.40
N THR A 14 30.55 8.21 -54.28
CA THR A 14 31.81 8.95 -54.29
C THR A 14 32.81 8.19 -55.15
N VAL A 15 33.81 8.92 -55.65
CA VAL A 15 34.81 8.38 -56.58
C VAL A 15 36.20 8.58 -55.98
N VAL A 16 36.97 7.50 -55.91
CA VAL A 16 38.36 7.55 -55.47
C VAL A 16 39.22 6.80 -56.48
N PRO A 17 40.27 7.41 -57.03
CA PRO A 17 40.66 8.81 -56.84
C PRO A 17 39.86 9.75 -57.73
N LEU A 18 39.83 11.03 -57.40
CA LEU A 18 39.13 12.04 -58.18
C LEU A 18 40.15 13.03 -58.73
N LYS A 19 40.32 13.02 -60.05
CA LYS A 19 41.26 13.88 -60.74
C LYS A 19 40.58 14.57 -61.91
N THR A 20 41.13 15.70 -62.32
CA THR A 20 40.59 16.41 -63.48
C THR A 20 40.90 15.66 -64.78
N PHE A 21 41.98 14.88 -64.79
CA PHE A 21 42.36 14.11 -65.95
C PHE A 21 43.00 12.81 -65.48
N TYR A 22 42.85 11.76 -66.27
CA TYR A 22 43.48 10.48 -65.99
C TYR A 22 44.22 10.01 -67.24
N GLU A 23 45.26 9.24 -67.02
CA GLU A 23 45.95 8.57 -68.11
C GLU A 23 45.28 7.24 -68.43
N PRO A 24 45.41 6.73 -69.65
CA PRO A 24 44.81 5.43 -69.97
C PRO A 24 45.39 4.32 -69.11
N GLY A 25 44.50 3.52 -68.52
CA GLY A 25 44.89 2.43 -67.64
C GLY A 25 44.66 2.72 -66.17
N GLU A 26 44.54 3.98 -65.78
CA GLU A 26 44.25 4.32 -64.40
C GLU A 26 42.86 3.84 -64.02
N GLU A 27 42.69 3.50 -62.74
CA GLU A 27 41.45 2.90 -62.25
C GLU A 27 40.77 3.84 -61.25
N ILE A 28 39.46 3.96 -61.39
CA ILE A 28 38.61 4.67 -60.45
C ILE A 28 37.58 3.69 -59.92
N THR A 29 37.07 3.95 -58.72
CA THR A 29 36.12 3.07 -58.07
C THR A 29 34.98 3.88 -57.49
N TYR A 30 33.76 3.58 -57.93
CA TYR A 30 32.56 4.17 -57.37
C TYR A 30 32.11 3.36 -56.17
N SER A 31 31.86 4.03 -55.05
CA SER A 31 31.32 3.40 -53.85
C SER A 31 30.19 4.27 -53.33
N CYS A 32 29.06 3.64 -53.00
CA CYS A 32 27.89 4.38 -52.57
C CYS A 32 28.12 5.02 -51.21
N LYS A 33 27.42 6.13 -50.97
CA LYS A 33 27.50 6.82 -49.69
C LYS A 33 26.91 5.95 -48.59
N PRO A 34 27.33 6.18 -47.33
CA PRO A 34 26.73 5.42 -46.22
C PRO A 34 25.22 5.60 -46.17
N GLY A 35 24.53 4.51 -45.86
CA GLY A 35 23.08 4.47 -45.92
C GLY A 35 22.51 4.12 -47.28
N TYR A 36 23.35 4.10 -48.32
CA TYR A 36 22.94 3.74 -49.67
C TYR A 36 23.65 2.44 -50.07
N VAL A 37 22.90 1.53 -50.68
CA VAL A 37 23.41 0.22 -51.06
C VAL A 37 23.49 0.13 -52.57
N SER A 38 24.52 -0.56 -53.06
CA SER A 38 24.74 -0.69 -54.50
C SER A 38 23.87 -1.82 -55.05
N SER A 39 23.16 -1.53 -56.15
CA SER A 39 22.33 -2.53 -56.79
C SER A 39 22.85 -2.85 -58.19
N GLU A 40 22.08 -2.46 -59.21
CA GLU A 40 22.48 -2.74 -60.58
C GLU A 40 23.73 -1.95 -60.95
N GLY A 41 24.59 -2.56 -61.75
CA GLY A 41 25.80 -1.92 -62.22
C GLY A 41 27.03 -2.33 -61.43
N VAL A 42 28.19 -2.11 -62.04
CA VAL A 42 29.47 -2.39 -61.42
C VAL A 42 30.24 -1.09 -61.28
N GLY A 43 31.02 -0.98 -60.21
CA GLY A 43 31.65 0.28 -59.85
C GLY A 43 33.01 0.54 -60.46
N LYS A 44 33.91 -0.43 -60.38
CA LYS A 44 35.28 -0.21 -60.82
C LYS A 44 35.35 0.02 -62.33
N PHE A 45 36.11 1.03 -62.73
CA PHE A 45 36.32 1.36 -64.13
C PHE A 45 37.80 1.59 -64.38
N ILE A 46 38.24 1.25 -65.59
CA ILE A 46 39.60 1.48 -66.04
C ILE A 46 39.56 2.38 -67.26
N CYS A 47 40.51 3.29 -67.36
CA CYS A 47 40.50 4.26 -68.44
C CYS A 47 40.86 3.58 -69.76
N PRO A 48 40.02 3.70 -70.79
CA PRO A 48 40.36 3.12 -72.10
C PRO A 48 41.45 3.94 -72.79
N LEU A 49 41.94 3.38 -73.89
CA LEU A 49 42.90 4.11 -74.71
C LEU A 49 42.27 5.38 -75.29
N THR A 50 41.03 5.27 -75.76
CA THR A 50 40.23 6.45 -76.03
C THR A 50 39.80 7.08 -74.71
N GLY A 51 39.64 8.41 -74.72
CA GLY A 51 39.39 9.13 -73.49
C GLY A 51 38.02 8.90 -72.87
N LEU A 52 37.10 8.27 -73.60
CA LEU A 52 35.72 8.19 -73.13
C LEU A 52 35.58 7.21 -71.97
N TRP A 53 34.92 7.67 -70.90
CA TRP A 53 34.56 6.80 -69.80
C TRP A 53 33.37 5.93 -70.19
N PRO A 54 33.38 4.64 -69.83
CA PRO A 54 32.25 3.77 -70.16
C PRO A 54 30.97 4.28 -69.51
N ILE A 55 29.83 3.94 -70.14
CA ILE A 55 28.55 4.33 -69.57
C ILE A 55 28.41 3.72 -68.19
N ASN A 56 27.76 4.47 -67.29
CA ASN A 56 27.69 4.10 -65.88
C ASN A 56 26.39 3.36 -65.62
N THR A 57 26.49 2.08 -65.27
CA THR A 57 25.34 1.27 -64.91
C THR A 57 25.06 1.27 -63.41
N LEU A 58 25.96 1.84 -62.60
CA LEU A 58 25.81 1.78 -61.16
C LEU A 58 24.61 2.61 -60.70
N LYS A 59 23.88 2.08 -59.72
CA LYS A 59 22.70 2.73 -59.16
C LYS A 59 22.71 2.50 -57.65
N CYS A 60 22.89 3.56 -56.88
CA CYS A 60 22.86 3.49 -55.43
C CYS A 60 21.46 3.85 -54.94
N THR A 61 20.83 2.90 -54.24
CA THR A 61 19.48 3.11 -53.72
C THR A 61 19.51 3.16 -52.20
N PRO A 62 18.67 3.99 -51.57
CA PRO A 62 18.69 4.10 -50.11
C PRO A 62 18.30 2.80 -49.43
N ARG A 63 18.95 2.52 -48.31
CA ARG A 63 18.62 1.35 -47.51
C ARG A 63 17.20 1.49 -46.97
N VAL A 64 16.49 0.37 -46.90
CA VAL A 64 15.08 0.35 -46.52
C VAL A 64 14.97 -0.21 -45.12
N CYS A 65 14.35 0.56 -44.22
CA CYS A 65 14.06 0.11 -42.87
C CYS A 65 12.85 -0.81 -42.87
N PRO A 66 12.71 -1.66 -41.84
CA PRO A 66 11.55 -2.55 -41.77
C PRO A 66 10.24 -1.77 -41.79
N PHE A 67 9.22 -2.41 -42.35
CA PHE A 67 7.91 -1.78 -42.48
C PHE A 67 7.36 -1.43 -41.10
N ALA A 68 6.92 -0.18 -40.95
CA ALA A 68 6.40 0.35 -39.70
C ALA A 68 5.12 1.14 -39.94
N GLY A 69 4.29 0.66 -40.86
CA GLY A 69 3.11 1.38 -41.26
C GLY A 69 1.89 1.14 -40.40
N ILE A 70 1.92 0.07 -39.62
CA ILE A 70 0.79 -0.32 -38.77
C ILE A 70 1.18 -0.07 -37.32
N LEU A 71 0.47 0.85 -36.68
CA LEU A 71 0.53 1.02 -35.23
C LEU A 71 -0.81 0.54 -34.68
N GLU A 72 -0.79 -0.55 -33.92
CA GLU A 72 -2.02 -1.05 -33.32
C GLU A 72 -2.64 0.02 -32.44
N ASN A 73 -3.87 0.41 -32.76
CA ASN A 73 -4.57 1.52 -32.10
C ASN A 73 -3.85 2.84 -32.30
N GLY A 74 -3.22 3.03 -33.46
CA GLY A 74 -2.47 4.24 -33.71
C GLY A 74 -2.41 4.59 -35.19
N ALA A 75 -2.00 5.83 -35.45
CA ALA A 75 -1.85 6.34 -36.81
C ALA A 75 -0.41 6.75 -37.04
N VAL A 76 0.13 6.40 -38.20
CA VAL A 76 1.53 6.65 -38.55
C VAL A 76 1.59 7.41 -39.86
N ARG A 77 2.32 8.53 -39.85
CA ARG A 77 2.69 9.24 -41.07
C ARG A 77 4.08 8.76 -41.49
N TYR A 78 4.20 8.22 -42.70
CA TYR A 78 5.49 7.58 -42.97
C TYR A 78 6.11 7.93 -44.32
N THR A 79 5.31 8.13 -45.37
CA THR A 79 5.80 8.35 -46.72
C THR A 79 6.70 7.20 -47.21
N THR A 80 8.02 7.40 -47.18
CA THR A 80 8.93 6.58 -47.97
C THR A 80 9.35 5.27 -47.29
N PHE A 81 9.70 5.32 -45.99
CA PHE A 81 10.19 4.18 -45.20
C PHE A 81 11.64 3.81 -45.49
N GLU A 82 12.43 4.70 -46.07
CA GLU A 82 13.81 4.39 -46.41
C GLU A 82 14.73 5.47 -45.84
N TYR A 83 16.03 5.19 -45.85
CA TYR A 83 16.99 6.16 -45.39
C TYR A 83 16.89 7.44 -46.23
N PRO A 84 16.97 8.62 -45.61
CA PRO A 84 17.09 8.85 -44.17
C PRO A 84 15.80 9.34 -43.54
N ASN A 85 14.67 9.07 -44.19
CA ASN A 85 13.42 9.71 -43.85
C ASN A 85 12.93 9.31 -42.47
N THR A 86 12.13 10.19 -41.86
CA THR A 86 11.58 10.00 -40.53
C THR A 86 10.09 9.68 -40.64
N ILE A 87 9.59 8.96 -39.63
CA ILE A 87 8.16 8.68 -39.50
C ILE A 87 7.69 9.19 -38.15
N SER A 88 6.42 9.57 -38.09
CA SER A 88 5.80 10.09 -36.89
C SER A 88 4.71 9.15 -36.41
N PHE A 89 4.38 9.24 -35.12
CA PHE A 89 3.41 8.36 -34.50
C PHE A 89 2.34 9.16 -33.76
N SER A 90 1.17 8.55 -33.66
CA SER A 90 0.06 9.10 -32.87
C SER A 90 -0.79 7.93 -32.41
N CYS A 91 -1.67 8.19 -31.44
CA CYS A 91 -2.55 7.17 -30.90
C CYS A 91 -4.01 7.59 -31.05
N ASN A 92 -4.88 6.58 -31.02
CA ASN A 92 -6.32 6.81 -31.09
C ASN A 92 -6.85 7.30 -29.74
N THR A 93 -8.12 7.67 -29.73
CA THR A 93 -8.75 8.16 -28.50
C THR A 93 -8.73 7.06 -27.43
N GLY A 94 -8.48 7.48 -26.19
CA GLY A 94 -8.35 6.55 -25.09
C GLY A 94 -7.01 5.85 -24.99
N PHE A 95 -6.05 6.19 -25.84
CA PHE A 95 -4.75 5.55 -25.85
C PHE A 95 -3.65 6.60 -25.71
N TYR A 96 -2.62 6.27 -24.93
CA TYR A 96 -1.44 7.10 -24.81
C TYR A 96 -0.26 6.40 -25.49
N LEU A 97 0.68 7.20 -25.98
CA LEU A 97 1.79 6.70 -26.76
C LEU A 97 2.91 6.24 -25.82
N ASN A 98 3.20 4.94 -25.82
CA ASN A 98 4.17 4.35 -24.92
C ASN A 98 5.52 4.24 -25.64
N GLY A 99 6.18 5.37 -25.78
CA GLY A 99 7.49 5.43 -26.39
C GLY A 99 7.69 6.73 -27.13
N ALA A 100 8.74 6.75 -27.94
CA ALA A 100 9.09 7.94 -28.71
C ALA A 100 8.03 8.21 -29.78
N ASP A 101 7.79 9.49 -30.05
CA ASP A 101 6.79 9.88 -31.03
C ASP A 101 7.33 9.97 -32.45
N SER A 102 8.65 9.94 -32.63
CA SER A 102 9.24 9.98 -33.96
C SER A 102 10.43 9.03 -34.01
N ALA A 103 10.55 8.31 -35.12
CA ALA A 103 11.66 7.40 -35.35
C ALA A 103 12.29 7.71 -36.69
N LYS A 104 13.58 7.39 -36.81
CA LYS A 104 14.34 7.70 -38.02
C LYS A 104 15.06 6.46 -38.52
N CYS A 105 15.18 6.38 -39.85
CA CYS A 105 15.89 5.29 -40.50
C CYS A 105 17.38 5.58 -40.52
N THR A 106 18.17 4.74 -39.87
CA THR A 106 19.59 4.97 -39.72
C THR A 106 20.36 4.46 -40.94
N GLU A 107 21.68 4.60 -40.90
CA GLU A 107 22.52 4.11 -41.99
C GLU A 107 22.41 2.59 -42.13
N GLU A 108 22.31 1.89 -41.01
CA GLU A 108 22.25 0.43 -41.00
C GLU A 108 20.87 -0.11 -41.33
N GLY A 109 19.88 0.75 -41.55
CA GLY A 109 18.54 0.31 -41.83
C GLY A 109 17.74 -0.10 -40.60
N LYS A 110 18.18 0.28 -39.41
CA LYS A 110 17.48 -0.02 -38.17
C LYS A 110 16.76 1.23 -37.67
N TRP A 111 15.48 1.09 -37.35
CA TRP A 111 14.76 2.18 -36.70
C TRP A 111 15.39 2.50 -35.35
N SER A 112 15.60 3.79 -35.09
CA SER A 112 16.11 4.24 -33.81
C SER A 112 15.48 5.61 -33.54
N PRO A 113 14.82 5.80 -32.39
CA PRO A 113 14.60 4.82 -31.32
C PRO A 113 13.61 3.73 -31.72
N GLU A 114 13.54 2.66 -30.94
CA GLU A 114 12.68 1.53 -31.27
C GLU A 114 11.22 1.98 -31.36
N LEU A 115 10.45 1.21 -32.11
CA LEU A 115 9.10 1.64 -32.47
C LEU A 115 8.17 1.58 -31.27
N PRO A 116 7.40 2.63 -31.01
CA PRO A 116 6.51 2.65 -29.85
C PRO A 116 5.26 1.81 -30.08
N VAL A 117 4.51 1.62 -29.00
CA VAL A 117 3.20 0.99 -29.05
C VAL A 117 2.19 1.90 -28.36
N CYS A 118 0.95 1.86 -28.82
CA CYS A 118 -0.13 2.56 -28.14
C CYS A 118 -0.70 1.66 -27.05
N ALA A 119 -0.92 2.25 -25.88
CA ALA A 119 -1.47 1.54 -24.72
C ALA A 119 -2.70 2.28 -24.22
N PRO A 120 -3.67 1.57 -23.66
CA PRO A 120 -4.89 2.23 -23.21
C PRO A 120 -4.65 3.11 -21.99
N ILE A 121 -5.38 4.23 -21.95
CA ILE A 121 -5.34 5.10 -20.79
C ILE A 121 -6.11 4.43 -19.66
N ILE A 122 -5.44 4.19 -18.54
CA ILE A 122 -6.02 3.50 -17.40
C ILE A 122 -5.98 4.43 -16.19
N CYS A 123 -7.06 4.45 -15.42
CA CYS A 123 -7.17 5.36 -14.29
C CYS A 123 -7.23 4.57 -12.99
N PRO A 124 -6.53 5.02 -11.95
CA PRO A 124 -6.52 4.29 -10.68
C PRO A 124 -7.88 4.38 -10.00
N PRO A 125 -8.16 3.50 -9.05
CA PRO A 125 -9.43 3.58 -8.31
C PRO A 125 -9.57 4.92 -7.62
N PRO A 126 -10.78 5.48 -7.60
CA PRO A 126 -10.96 6.80 -7.02
C PRO A 126 -10.89 6.76 -5.50
N SER A 127 -10.31 7.80 -4.92
CA SER A 127 -10.20 7.93 -3.47
C SER A 127 -11.40 8.71 -2.96
N ILE A 128 -12.19 8.08 -2.09
CA ILE A 128 -13.41 8.71 -1.58
C ILE A 128 -13.02 9.83 -0.62
N PRO A 129 -13.73 10.97 -0.64
CA PRO A 129 -13.48 12.00 0.37
C PRO A 129 -13.85 11.55 1.78
N THR A 130 -13.57 12.39 2.76
CA THR A 130 -13.72 11.99 4.16
C THR A 130 -15.17 11.68 4.51
N PHE A 131 -16.10 12.57 4.16
CA PHE A 131 -17.49 12.47 4.56
C PHE A 131 -18.41 12.11 3.39
N ALA A 132 -17.91 11.32 2.44
CA ALA A 132 -18.66 10.99 1.23
C ALA A 132 -18.74 9.49 1.05
N THR A 133 -19.67 9.07 0.20
CA THR A 133 -19.82 7.68 -0.19
C THR A 133 -19.84 7.58 -1.71
N LEU A 134 -19.58 6.37 -2.19
CA LEU A 134 -19.49 6.07 -3.62
C LEU A 134 -20.86 5.64 -4.11
N ARG A 135 -21.59 6.55 -4.77
CA ARG A 135 -22.94 6.22 -5.21
C ARG A 135 -22.94 5.18 -6.31
N VAL A 136 -22.18 5.42 -7.38
CA VAL A 136 -22.02 4.43 -8.44
C VAL A 136 -20.55 4.39 -8.85
N TYR A 137 -20.09 3.20 -9.25
CA TYR A 137 -18.74 3.01 -9.76
C TYR A 137 -18.69 1.69 -10.51
N LYS A 138 -18.18 1.73 -11.73
CA LYS A 138 -17.99 0.54 -12.55
C LYS A 138 -16.58 0.55 -13.12
N PRO A 139 -15.69 -0.33 -12.65
CA PRO A 139 -14.32 -0.37 -13.18
C PRO A 139 -14.24 -1.22 -14.45
N SER A 140 -13.84 -0.59 -15.55
CA SER A 140 -13.81 -1.29 -16.84
C SER A 140 -12.61 -2.22 -16.95
N ALA A 141 -11.45 -1.81 -16.46
CA ALA A 141 -10.21 -2.60 -16.54
C ALA A 141 -9.79 -2.99 -15.13
N GLY A 142 -10.04 -4.25 -14.78
CA GLY A 142 -9.71 -4.72 -13.44
C GLY A 142 -10.49 -3.93 -12.41
N ASN A 143 -9.79 -3.42 -11.40
CA ASN A 143 -10.37 -2.46 -10.47
C ASN A 143 -10.19 -1.03 -10.96
N ASN A 144 -9.42 -0.82 -12.02
CA ASN A 144 -9.10 0.49 -12.56
C ASN A 144 -10.18 0.92 -13.55
N SER A 145 -10.06 2.14 -14.07
CA SER A 145 -11.06 2.70 -14.97
C SER A 145 -10.38 3.21 -16.24
N LEU A 146 -11.12 3.19 -17.35
CA LEU A 146 -10.61 3.61 -18.64
C LEU A 146 -10.92 5.10 -18.88
N TYR A 147 -10.62 5.54 -20.10
CA TYR A 147 -10.86 6.93 -20.48
C TYR A 147 -12.34 7.26 -20.48
N ARG A 148 -12.67 8.45 -19.98
CA ARG A 148 -14.03 8.98 -19.94
C ARG A 148 -14.98 8.13 -19.09
N ASP A 149 -14.45 7.29 -18.20
CA ASP A 149 -15.30 6.64 -17.21
C ASP A 149 -15.68 7.65 -16.13
N THR A 150 -16.76 7.34 -15.42
CA THR A 150 -17.31 8.27 -14.44
C THR A 150 -17.53 7.59 -13.10
N ALA A 151 -17.41 8.40 -12.05
CA ALA A 151 -17.85 8.05 -10.70
C ALA A 151 -18.61 9.23 -10.12
N VAL A 152 -19.69 8.96 -9.42
CA VAL A 152 -20.47 10.01 -8.78
C VAL A 152 -20.42 9.79 -7.28
N PHE A 153 -20.45 10.89 -6.54
CA PHE A 153 -20.28 10.86 -5.09
C PHE A 153 -21.56 11.29 -4.40
N GLU A 154 -21.94 10.55 -3.37
CA GLU A 154 -23.10 10.84 -2.53
C GLU A 154 -22.60 11.23 -1.15
N CYS A 155 -22.89 12.45 -0.73
CA CYS A 155 -22.49 12.91 0.60
C CYS A 155 -23.19 12.09 1.68
N LEU A 156 -22.56 12.04 2.85
CA LEU A 156 -23.18 11.42 4.00
C LEU A 156 -24.34 12.29 4.47
N PRO A 157 -25.32 11.71 5.17
CA PRO A 157 -26.41 12.52 5.71
C PRO A 157 -25.89 13.57 6.67
N GLN A 158 -26.62 14.69 6.76
CA GLN A 158 -26.26 15.86 7.56
C GLN A 158 -24.99 16.55 7.07
N HIS A 159 -24.59 16.30 5.82
CA HIS A 159 -23.46 16.97 5.21
C HIS A 159 -23.85 17.51 3.84
N ALA A 160 -23.17 18.59 3.43
CA ALA A 160 -23.47 19.30 2.21
C ALA A 160 -22.27 19.26 1.27
N MET A 161 -22.51 18.90 0.01
CA MET A 161 -21.44 18.77 -0.96
C MET A 161 -21.05 20.13 -1.53
N PHE A 162 -19.74 20.36 -1.62
CA PHE A 162 -19.18 21.53 -2.30
C PHE A 162 -18.33 21.04 -3.45
N GLY A 163 -18.66 21.48 -4.66
CA GLY A 163 -18.01 21.01 -5.86
C GLY A 163 -18.86 19.98 -6.60
N ASN A 164 -18.50 19.76 -7.87
CA ASN A 164 -19.28 18.87 -8.71
C ASN A 164 -19.15 17.43 -8.20
N ASP A 165 -20.23 16.67 -8.31
CA ASP A 165 -20.28 15.30 -7.82
C ASP A 165 -19.78 14.27 -8.83
N THR A 166 -19.54 14.68 -10.08
CA THR A 166 -19.14 13.76 -11.14
C THR A 166 -17.67 13.94 -11.46
N ILE A 167 -16.93 12.84 -11.49
CA ILE A 167 -15.52 12.84 -11.87
C ILE A 167 -15.36 11.96 -13.11
N THR A 168 -14.66 12.47 -14.10
CA THR A 168 -14.31 11.71 -15.30
C THR A 168 -12.84 11.34 -15.25
N CYS A 169 -12.52 10.14 -15.74
CA CYS A 169 -11.12 9.79 -15.92
C CYS A 169 -10.59 10.53 -17.15
N THR A 170 -9.57 11.36 -16.95
CA THR A 170 -9.16 12.30 -17.97
C THR A 170 -8.12 11.67 -18.91
N THR A 171 -7.62 12.50 -19.83
CA THR A 171 -6.67 12.03 -20.83
C THR A 171 -5.30 11.74 -20.23
N HIS A 172 -4.97 12.39 -19.12
CA HIS A 172 -3.67 12.23 -18.48
C HIS A 172 -3.65 11.17 -17.41
N GLY A 173 -4.76 10.46 -17.20
CA GLY A 173 -4.83 9.40 -16.21
C GLY A 173 -5.20 9.85 -14.81
N ASN A 174 -5.43 11.13 -14.58
CA ASN A 174 -5.83 11.64 -13.28
C ASN A 174 -7.30 12.00 -13.27
N TRP A 175 -7.98 11.67 -12.18
CA TRP A 175 -9.39 12.00 -12.02
C TRP A 175 -9.56 13.51 -11.91
N THR A 176 -10.73 13.99 -12.31
CA THR A 176 -11.04 15.41 -12.16
C THR A 176 -11.19 15.78 -10.69
N LYS A 177 -11.20 17.08 -10.43
CA LYS A 177 -11.23 17.59 -9.06
C LYS A 177 -12.42 17.02 -8.30
N LEU A 178 -12.19 16.71 -7.01
CA LEU A 178 -13.16 15.97 -6.23
C LEU A 178 -13.97 16.90 -5.33
N PRO A 179 -15.23 16.54 -5.05
CA PRO A 179 -16.05 17.36 -4.15
C PRO A 179 -15.69 17.14 -2.69
N GLU A 180 -16.14 18.07 -1.86
CA GLU A 180 -15.94 18.03 -0.42
C GLU A 180 -17.30 17.95 0.27
N CYS A 181 -17.45 16.99 1.18
CA CYS A 181 -18.60 16.93 2.07
C CYS A 181 -18.22 17.56 3.39
N ARG A 182 -18.98 18.57 3.81
CA ARG A 182 -18.80 19.24 5.09
C ARG A 182 -20.08 19.14 5.90
N GLU A 183 -19.93 19.04 7.23
CA GLU A 183 -21.06 19.09 8.12
C GLU A 183 -21.37 20.55 8.45
N VAL A 184 -22.55 21.01 8.03
CA VAL A 184 -23.01 22.36 8.30
C VAL A 184 -24.28 22.29 9.13
N LYS A 185 -24.42 23.22 10.06
CA LYS A 185 -25.57 23.30 10.96
C LYS A 185 -26.24 24.65 10.78
N CYS A 186 -27.54 24.69 11.10
CA CYS A 186 -28.27 25.93 10.93
C CYS A 186 -28.83 26.41 12.26
N PRO A 187 -28.74 27.71 12.55
CA PRO A 187 -29.32 28.24 13.79
C PRO A 187 -30.84 28.19 13.74
N PHE A 188 -31.44 28.13 14.92
CA PHE A 188 -32.88 28.01 15.01
C PHE A 188 -33.55 29.24 14.37
N PRO A 189 -34.62 29.06 13.61
CA PRO A 189 -35.32 30.20 13.00
C PRO A 189 -36.18 30.91 14.03
N SER A 190 -36.00 32.21 14.15
CA SER A 190 -36.77 32.99 15.11
C SER A 190 -38.22 33.05 14.71
N ARG A 191 -39.10 32.91 15.68
CA ARG A 191 -40.54 32.95 15.43
C ARG A 191 -40.92 34.34 14.92
N PRO A 192 -41.78 34.43 13.91
CA PRO A 192 -42.23 35.75 13.44
C PRO A 192 -43.28 36.35 14.37
N ASP A 193 -43.25 37.68 14.45
CA ASP A 193 -44.27 38.39 15.22
C ASP A 193 -45.64 38.16 14.60
N ASN A 194 -46.62 37.84 15.45
CA ASN A 194 -48.00 37.56 15.05
C ASN A 194 -48.12 36.27 14.24
N GLY A 195 -47.13 35.39 14.32
CA GLY A 195 -47.15 34.15 13.57
C GLY A 195 -46.48 33.03 14.33
N PHE A 196 -46.40 31.87 13.69
CA PHE A 196 -45.81 30.68 14.29
C PHE A 196 -44.78 30.08 13.34
N VAL A 197 -43.83 29.34 13.92
CA VAL A 197 -42.82 28.62 13.15
C VAL A 197 -42.79 27.18 13.65
N ASN A 198 -42.42 26.27 12.74
CA ASN A 198 -42.39 24.84 13.05
C ASN A 198 -41.09 24.23 12.52
N TYR A 199 -40.47 23.39 13.34
CA TYR A 199 -39.30 22.65 12.94
C TYR A 199 -39.26 21.35 13.74
N PRO A 200 -38.53 20.34 13.27
CA PRO A 200 -38.47 19.08 14.02
C PRO A 200 -37.73 19.24 15.34
N ALA A 201 -38.14 18.43 16.31
CA ALA A 201 -37.57 18.47 17.66
C ALA A 201 -36.22 17.77 17.65
N LYS A 202 -35.17 18.55 17.46
CA LYS A 202 -33.80 18.07 17.50
C LYS A 202 -32.93 19.10 18.22
N PRO A 203 -31.94 18.66 18.98
CA PRO A 203 -31.06 19.63 19.65
C PRO A 203 -30.35 20.56 18.70
N THR A 204 -29.89 20.04 17.55
CA THR A 204 -29.22 20.85 16.54
C THR A 204 -29.84 20.57 15.18
N LEU A 205 -29.87 21.59 14.34
CA LEU A 205 -30.46 21.52 13.01
C LEU A 205 -29.35 21.55 11.98
N TYR A 206 -29.36 20.58 11.07
CA TYR A 206 -28.31 20.42 10.07
C TYR A 206 -28.81 20.83 8.68
N TYR A 207 -28.04 20.45 7.67
CA TYR A 207 -28.30 20.88 6.30
C TYR A 207 -29.59 20.28 5.77
N LYS A 208 -30.27 21.06 4.93
CA LYS A 208 -31.51 20.72 4.23
C LYS A 208 -32.69 20.51 5.17
N ASP A 209 -32.55 20.83 6.46
CA ASP A 209 -33.71 20.89 7.33
C ASP A 209 -34.58 22.08 6.95
N LYS A 210 -35.89 21.87 6.94
CA LYS A 210 -36.83 22.88 6.48
C LYS A 210 -37.85 23.20 7.56
N ALA A 211 -38.13 24.49 7.71
CA ALA A 211 -39.09 24.99 8.68
C ALA A 211 -40.26 25.65 7.94
N THR A 212 -41.47 25.47 8.47
CA THR A 212 -42.68 25.99 7.87
C THR A 212 -43.23 27.13 8.72
N PHE A 213 -43.49 28.27 8.09
CA PHE A 213 -43.98 29.46 8.78
C PHE A 213 -45.48 29.59 8.63
N GLY A 214 -46.04 30.49 9.43
CA GLY A 214 -47.47 30.78 9.40
C GLY A 214 -47.74 32.11 10.04
N CYS A 215 -48.97 32.59 9.84
CA CYS A 215 -49.40 33.86 10.41
C CYS A 215 -50.82 33.72 10.92
N HIS A 216 -51.13 34.49 11.95
CA HIS A 216 -52.48 34.51 12.51
C HIS A 216 -53.41 35.31 11.61
N ASP A 217 -54.70 35.23 11.92
CA ASP A 217 -55.70 35.95 11.15
C ASP A 217 -55.47 37.45 11.23
N GLY A 218 -55.67 38.14 10.10
CA GLY A 218 -55.36 39.54 9.98
C GLY A 218 -53.93 39.83 9.57
N TYR A 219 -53.08 38.82 9.50
CA TYR A 219 -51.68 38.97 9.10
C TYR A 219 -51.37 37.97 8.00
N SER A 220 -50.77 38.45 6.92
CA SER A 220 -50.35 37.60 5.82
C SER A 220 -48.84 37.40 5.89
N LEU A 221 -48.32 36.60 4.96
CA LEU A 221 -46.89 36.34 4.86
C LEU A 221 -46.31 37.08 3.67
N ASP A 222 -45.13 37.66 3.86
CA ASP A 222 -44.42 38.33 2.78
C ASP A 222 -43.16 37.57 2.35
N GLY A 223 -43.14 36.25 2.59
CA GLY A 223 -42.04 35.42 2.18
C GLY A 223 -42.49 34.01 1.86
N PRO A 224 -41.55 33.14 1.52
CA PRO A 224 -41.92 31.75 1.20
C PRO A 224 -42.46 31.03 2.42
N GLU A 225 -43.46 30.19 2.19
CA GLU A 225 -44.10 29.46 3.28
C GLU A 225 -43.15 28.44 3.89
N GLU A 226 -42.29 27.83 3.09
CA GLU A 226 -41.33 26.83 3.55
C GLU A 226 -39.92 27.28 3.17
N ILE A 227 -39.05 27.40 4.17
CA ILE A 227 -37.67 27.79 3.95
C ILE A 227 -36.78 26.58 4.21
N GLU A 228 -35.54 26.67 3.71
CA GLU A 228 -34.61 25.55 3.73
C GLU A 228 -33.27 26.02 4.30
N CYS A 229 -32.56 25.08 4.93
CA CYS A 229 -31.24 25.34 5.47
C CYS A 229 -30.21 25.06 4.39
N THR A 230 -29.55 26.11 3.90
CA THR A 230 -28.68 25.98 2.74
C THR A 230 -27.29 25.50 3.14
N LYS A 231 -26.41 25.41 2.14
CA LYS A 231 -25.06 24.89 2.34
C LYS A 231 -24.18 25.83 3.14
N LEU A 232 -24.50 27.12 3.18
CA LEU A 232 -23.64 28.12 3.79
C LEU A 232 -24.00 28.41 5.24
N GLY A 233 -24.95 27.68 5.82
CA GLY A 233 -25.32 27.84 7.21
C GLY A 233 -26.46 28.81 7.47
N ASN A 234 -26.72 29.75 6.56
CA ASN A 234 -27.85 30.64 6.71
C ASN A 234 -29.05 30.11 5.95
N TRP A 235 -30.24 30.47 6.44
CA TRP A 235 -31.47 29.90 5.92
C TRP A 235 -31.78 30.46 4.53
N SER A 236 -32.67 29.75 3.83
CA SER A 236 -33.06 30.16 2.48
C SER A 236 -33.62 31.58 2.48
N ALA A 237 -34.48 31.89 3.44
CA ALA A 237 -35.05 33.23 3.57
C ALA A 237 -35.66 33.34 4.95
N MET A 238 -35.75 34.59 5.44
CA MET A 238 -36.49 34.86 6.65
C MET A 238 -37.82 35.51 6.28
N PRO A 239 -38.94 34.91 6.65
CA PRO A 239 -40.24 35.53 6.36
C PRO A 239 -40.88 36.15 7.59
N SER A 240 -41.71 37.17 7.39
CA SER A 240 -42.35 37.87 8.47
C SER A 240 -43.84 38.03 8.17
N CYS A 241 -44.62 38.21 9.23
CA CYS A 241 -46.05 38.44 9.11
C CYS A 241 -46.30 39.94 9.03
N LYS A 242 -46.91 40.38 7.93
CA LYS A 242 -47.19 41.79 7.70
C LYS A 242 -48.68 42.05 7.82
N ALA A 243 -49.02 43.20 8.40
CA ALA A 243 -50.41 43.49 8.75
C ALA A 243 -51.26 43.72 7.51
N SER A 244 -52.36 43.00 7.40
CA SER A 244 -53.40 43.35 6.44
C SER A 244 -54.01 44.69 6.82
N CYS A 245 -54.42 45.45 5.81
CA CYS A 245 -54.95 46.79 6.01
C CYS A 245 -56.43 46.82 5.70
N LYS A 246 -57.12 47.76 6.37
CA LYS A 246 -58.54 47.94 6.16
C LYS A 246 -58.80 48.57 4.79
N VAL A 247 -60.03 48.40 4.31
CA VAL A 247 -60.50 49.13 3.14
C VAL A 247 -60.48 50.62 3.49
N PRO A 248 -59.72 51.43 2.75
CA PRO A 248 -59.56 52.84 3.16
C PRO A 248 -60.83 53.65 3.00
N VAL A 249 -61.52 53.49 1.90
CA VAL A 249 -62.74 54.24 1.75
C VAL A 249 -63.79 53.33 1.22
N LYS A 250 -65.00 53.33 1.77
CA LYS A 250 -66.05 52.48 1.20
C LYS A 250 -66.63 53.07 -0.08
N LYS A 251 -67.35 52.27 -0.83
CA LYS A 251 -67.95 52.74 -2.08
C LYS A 251 -67.09 53.43 -3.14
N ALA A 252 -66.06 52.75 -3.60
CA ALA A 252 -65.22 53.29 -4.66
C ALA A 252 -64.76 52.19 -5.59
N THR A 253 -64.84 52.41 -6.90
CA THR A 253 -64.39 51.43 -7.88
C THR A 253 -62.95 51.74 -8.25
N VAL A 254 -62.04 50.80 -7.96
CA VAL A 254 -60.64 51.06 -8.27
C VAL A 254 -60.07 50.03 -9.23
N VAL A 255 -58.75 49.93 -9.38
CA VAL A 255 -58.23 48.94 -10.30
C VAL A 255 -57.30 47.95 -9.64
N TYR A 256 -57.77 46.74 -9.45
CA TYR A 256 -56.98 45.70 -8.84
C TYR A 256 -56.65 44.78 -9.95
N GLN A 257 -55.37 44.47 -10.08
CA GLN A 257 -54.85 43.61 -11.14
C GLN A 257 -55.26 44.16 -12.48
N GLY A 258 -55.67 43.29 -13.37
CA GLY A 258 -56.11 43.76 -14.66
C GLY A 258 -57.40 44.53 -14.84
N GLU A 259 -58.46 44.04 -14.21
CA GLU A 259 -59.79 44.59 -14.39
C GLU A 259 -60.27 45.61 -13.38
N ARG A 260 -61.39 46.24 -13.69
CA ARG A 260 -61.96 47.18 -12.73
C ARG A 260 -62.81 46.45 -11.71
N VAL A 261 -62.61 46.79 -10.43
CA VAL A 261 -63.37 46.21 -9.33
C VAL A 261 -63.80 47.31 -8.37
N LYS A 262 -64.85 47.01 -7.61
CA LYS A 262 -65.24 47.82 -6.47
C LYS A 262 -64.47 47.34 -5.26
N ILE A 263 -63.86 48.26 -4.51
CA ILE A 263 -63.04 47.85 -3.36
C ILE A 263 -63.89 47.07 -2.37
N GLN A 264 -65.05 47.64 -2.00
CA GLN A 264 -65.87 47.07 -0.94
C GLN A 264 -66.23 45.62 -1.23
N GLU A 265 -66.45 45.28 -2.50
CA GLU A 265 -66.80 43.91 -2.84
C GLU A 265 -65.56 43.04 -3.02
N LYS A 266 -64.49 43.59 -3.61
CA LYS A 266 -63.32 42.77 -3.91
C LYS A 266 -62.54 42.45 -2.64
N PHE A 267 -62.39 43.43 -1.74
CA PHE A 267 -61.72 43.18 -0.47
C PHE A 267 -62.68 43.30 0.70
N LYS A 268 -63.69 42.42 0.75
CA LYS A 268 -64.59 42.42 1.90
C LYS A 268 -63.85 42.11 3.18
N ASN A 269 -62.95 41.13 3.14
CA ASN A 269 -62.15 40.74 4.30
C ASN A 269 -60.88 41.57 4.44
N GLY A 270 -60.80 42.71 3.76
CA GLY A 270 -59.67 43.60 3.86
C GLY A 270 -58.55 43.24 2.89
N MET A 271 -57.74 44.25 2.58
CA MET A 271 -56.60 44.04 1.70
C MET A 271 -55.52 43.23 2.40
N LEU A 272 -54.73 42.52 1.59
CA LEU A 272 -53.55 41.83 2.07
C LEU A 272 -52.32 42.72 1.89
N HIS A 273 -51.21 42.32 2.49
CA HIS A 273 -49.99 43.09 2.38
C HIS A 273 -49.49 43.10 0.94
N GLY A 274 -49.11 44.28 0.46
CA GLY A 274 -48.53 44.41 -0.86
C GLY A 274 -49.49 44.47 -2.02
N ASP A 275 -50.79 44.23 -1.78
CA ASP A 275 -51.77 44.36 -2.85
C ASP A 275 -51.83 45.80 -3.34
N LYS A 276 -51.67 45.99 -4.64
CA LYS A 276 -51.68 47.32 -5.24
C LYS A 276 -53.02 47.58 -5.91
N VAL A 277 -53.67 48.69 -5.54
CA VAL A 277 -54.85 49.18 -6.22
C VAL A 277 -54.58 50.59 -6.68
N SER A 278 -55.35 51.02 -7.68
CA SER A 278 -55.19 52.37 -8.23
C SER A 278 -56.55 53.06 -8.28
N PHE A 279 -56.59 54.31 -7.86
CA PHE A 279 -57.83 55.05 -7.75
C PHE A 279 -58.03 55.95 -8.97
N PHE A 280 -59.28 56.32 -9.20
CA PHE A 280 -59.65 57.19 -10.31
C PHE A 280 -59.89 58.59 -9.79
N CYS A 281 -59.28 59.58 -10.43
CA CYS A 281 -59.36 60.97 -10.01
C CYS A 281 -59.76 61.83 -11.19
N LYS A 282 -60.76 62.69 -10.98
CA LYS A 282 -61.17 63.62 -12.02
C LYS A 282 -60.10 64.68 -12.24
N ASN A 283 -59.97 65.11 -13.49
CA ASN A 283 -59.11 66.23 -13.86
C ASN A 283 -59.97 67.23 -14.61
N LYS A 284 -60.06 68.45 -14.08
CA LYS A 284 -60.95 69.45 -14.69
C LYS A 284 -60.34 70.11 -15.91
N GLU A 285 -59.08 69.83 -16.24
CA GLU A 285 -58.49 70.29 -17.50
C GLU A 285 -58.87 69.27 -18.57
N LYS A 286 -59.88 69.61 -19.37
CA LYS A 286 -60.49 68.79 -20.42
C LYS A 286 -61.35 67.66 -19.86
N LYS A 287 -61.65 67.68 -18.57
CA LYS A 287 -62.64 66.78 -17.96
C LYS A 287 -62.35 65.32 -18.25
N CYS A 288 -61.10 64.92 -18.05
CA CYS A 288 -60.67 63.55 -18.26
C CYS A 288 -60.33 62.91 -16.92
N SER A 289 -59.87 61.65 -16.96
CA SER A 289 -59.58 60.88 -15.78
C SER A 289 -58.23 60.18 -15.93
N TYR A 290 -57.53 60.02 -14.80
CA TYR A 290 -56.26 59.33 -14.75
C TYR A 290 -56.26 58.32 -13.61
N THR A 291 -55.14 57.61 -13.46
CA THR A 291 -55.06 56.45 -12.58
C THR A 291 -53.81 56.56 -11.74
N GLU A 292 -53.98 56.68 -10.42
CA GLU A 292 -52.87 56.72 -9.47
C GLU A 292 -52.98 55.53 -8.53
N ASP A 293 -51.90 54.78 -8.40
CA ASP A 293 -51.92 53.54 -7.63
C ASP A 293 -51.56 53.78 -6.18
N ALA A 294 -51.95 52.82 -5.34
CA ALA A 294 -51.63 52.79 -3.92
C ALA A 294 -51.56 51.33 -3.49
N GLN A 295 -50.73 51.06 -2.49
CA GLN A 295 -50.51 49.67 -2.09
C GLN A 295 -50.35 49.55 -0.58
N CYS A 296 -50.80 48.42 -0.06
CA CYS A 296 -50.77 48.17 1.38
C CYS A 296 -49.34 48.03 1.87
N ILE A 297 -49.06 48.63 3.03
CA ILE A 297 -47.73 48.51 3.63
C ILE A 297 -47.91 48.22 5.12
N ASP A 298 -47.89 46.93 5.47
CA ASP A 298 -47.95 46.47 6.85
C ASP A 298 -49.09 47.13 7.64
N GLY A 299 -50.25 47.20 7.00
CA GLY A 299 -51.46 47.66 7.66
C GLY A 299 -51.87 49.07 7.35
N THR A 300 -51.00 49.87 6.75
CA THR A 300 -51.30 51.26 6.42
C THR A 300 -51.30 51.44 4.90
N ILE A 301 -52.44 51.86 4.37
CA ILE A 301 -52.66 52.16 2.97
C ILE A 301 -52.92 53.65 2.79
N GLU A 302 -52.20 54.27 1.86
CA GLU A 302 -52.28 55.70 1.64
C GLU A 302 -53.12 55.98 0.39
N VAL A 303 -54.25 56.65 0.58
CA VAL A 303 -55.13 57.02 -0.52
C VAL A 303 -54.52 58.20 -1.25
N PRO A 304 -54.49 58.19 -2.58
CA PRO A 304 -53.97 59.36 -3.32
C PRO A 304 -54.77 60.61 -3.00
N LYS A 305 -54.09 61.76 -3.12
CA LYS A 305 -54.71 63.03 -2.81
C LYS A 305 -55.89 63.33 -3.73
N CYS A 306 -55.74 63.02 -5.02
CA CYS A 306 -56.76 63.38 -6.00
C CYS A 306 -58.09 62.69 -5.75
N PHE A 307 -58.11 61.56 -5.05
CA PHE A 307 -59.36 60.99 -4.60
C PHE A 307 -60.04 61.95 -3.61
N LYS A 308 -61.11 62.54 -4.14
CA LYS A 308 -62.09 63.37 -3.47
C LYS A 308 -63.26 62.40 -3.49
N GLU A 309 -63.80 62.04 -2.36
CA GLU A 309 -64.87 61.05 -2.33
C GLU A 309 -66.21 61.62 -1.91
N HIS A 310 -67.25 61.14 -2.58
CA HIS A 310 -68.60 61.53 -2.25
C HIS A 310 -69.48 60.31 -2.19
N SER A 311 -70.52 60.39 -1.39
CA SER A 311 -71.45 59.30 -1.21
C SER A 311 -72.24 59.04 -2.47
N SER A 312 -72.62 57.78 -2.67
CA SER A 312 -73.44 57.38 -3.81
C SER A 312 -74.83 58.01 -3.76
N LEU A 313 -75.35 58.17 -2.55
CA LEU A 313 -76.64 58.79 -2.34
C LEU A 313 -76.64 60.22 -2.86
N ALA A 314 -75.52 60.91 -2.68
CA ALA A 314 -75.33 62.29 -3.13
C ALA A 314 -74.94 62.27 -4.60
N PHE A 315 -75.92 61.92 -5.42
CA PHE A 315 -75.74 61.76 -6.85
C PHE A 315 -75.78 63.08 -7.58
N TRP A 316 -75.43 64.10 -6.84
CA TRP A 316 -75.32 65.45 -7.37
C TRP A 316 -74.18 65.48 -8.40
N LYS A 317 -73.08 64.77 -8.13
CA LYS A 317 -71.92 64.69 -9.02
C LYS A 317 -71.63 63.26 -9.50
N THR A 318 -70.71 63.14 -10.46
CA THR A 318 -70.29 61.84 -11.00
C THR A 318 -69.13 61.24 -10.23
N ASP A 319 -68.98 59.92 -10.25
CA ASP A 319 -67.91 59.27 -9.49
C ASP A 319 -66.48 59.38 -10.03
N ALA A 320 -66.30 60.17 -11.07
CA ALA A 320 -64.99 60.53 -11.61
C ALA A 320 -64.17 59.33 -12.02
N SER A 321 -64.78 58.15 -12.14
CA SER A 321 -64.12 56.97 -12.68
C SER A 321 -64.61 56.70 -14.11
N ASP A 322 -64.79 57.80 -14.81
CA ASP A 322 -65.39 57.83 -16.13
C ASP A 322 -64.57 57.90 -17.41
N VAL A 323 -64.41 59.08 -18.00
CA VAL A 323 -63.76 59.14 -19.32
C VAL A 323 -62.38 58.53 -19.38
N LYS A 324 -62.19 57.59 -20.28
CA LYS A 324 -60.94 56.88 -20.35
C LYS A 324 -59.74 57.73 -20.64
N PRO A 325 -59.87 58.77 -21.47
CA PRO A 325 -58.79 59.66 -21.87
C PRO A 325 -57.96 60.18 -20.72
N CYS A 326 -56.66 60.27 -21.00
CA CYS A 326 -55.52 60.66 -20.15
C CYS A 326 -55.07 59.45 -19.35
N GLY B 1 64.84 42.28 37.61
CA GLY B 1 65.18 43.65 37.96
C GLY B 1 64.79 44.66 36.91
N ARG B 2 65.76 45.01 36.06
CA ARG B 2 65.54 46.03 35.03
C ARG B 2 64.50 45.57 34.01
N THR B 3 64.53 44.29 33.65
CA THR B 3 63.65 43.74 32.63
C THR B 3 62.93 42.52 33.17
N CYS B 4 61.72 42.27 32.64
CA CYS B 4 60.94 41.11 33.03
C CYS B 4 61.35 39.89 32.21
N PRO B 5 61.19 38.68 32.76
CA PRO B 5 61.54 37.48 31.99
C PRO B 5 60.39 36.98 31.13
N LYS B 6 60.61 35.87 30.43
CA LYS B 6 59.53 35.22 29.70
C LYS B 6 58.45 34.80 30.69
N PRO B 7 57.18 35.10 30.43
CA PRO B 7 56.13 34.71 31.38
C PRO B 7 56.01 33.19 31.47
N ASP B 8 55.79 32.72 32.70
CA ASP B 8 55.69 31.29 32.93
C ASP B 8 54.53 30.69 32.14
N ASP B 9 54.77 29.52 31.54
CA ASP B 9 53.71 28.83 30.81
C ASP B 9 52.55 28.51 31.76
N LEU B 10 51.36 28.97 31.38
CA LEU B 10 50.18 28.70 32.19
C LEU B 10 49.29 27.68 31.51
N PRO B 11 48.79 26.68 32.24
CA PRO B 11 48.04 25.60 31.61
C PRO B 11 46.83 26.12 30.83
N PHE B 12 46.67 25.59 29.61
CA PHE B 12 45.51 25.87 28.76
C PHE B 12 45.37 27.37 28.47
N SER B 13 46.49 28.01 28.15
CA SER B 13 46.47 29.44 27.89
C SER B 13 47.53 29.78 26.85
N THR B 14 47.37 30.95 26.24
CA THR B 14 48.33 31.51 25.30
C THR B 14 48.63 32.94 25.70
N VAL B 15 49.85 33.39 25.42
CA VAL B 15 50.33 34.69 25.85
C VAL B 15 50.64 35.54 24.63
N VAL B 16 50.22 36.80 24.67
CA VAL B 16 50.48 37.77 23.60
C VAL B 16 50.89 39.09 24.23
N PRO B 17 52.07 39.65 23.89
CA PRO B 17 53.09 39.03 23.03
C PRO B 17 54.02 38.13 23.82
N LEU B 18 54.64 37.14 23.17
CA LEU B 18 55.59 36.26 23.82
C LEU B 18 57.01 36.67 23.41
N LYS B 19 57.73 37.28 24.36
CA LYS B 19 59.11 37.70 24.14
C LYS B 19 59.99 37.11 25.23
N THR B 20 61.29 37.00 24.91
CA THR B 20 62.23 36.45 25.89
C THR B 20 62.41 37.39 27.07
N PHE B 21 62.26 38.70 26.86
CA PHE B 21 62.38 39.67 27.94
C PHE B 21 61.49 40.86 27.62
N TYR B 22 61.00 41.50 28.67
CA TYR B 22 60.14 42.68 28.53
C TYR B 22 60.71 43.84 29.33
N GLU B 23 60.68 45.02 28.73
CA GLU B 23 61.03 46.24 29.44
C GLU B 23 59.89 46.67 30.35
N PRO B 24 60.17 47.46 31.37
CA PRO B 24 59.10 47.89 32.28
C PRO B 24 58.04 48.69 31.55
N GLY B 25 56.78 48.38 31.85
CA GLY B 25 55.65 49.03 31.22
C GLY B 25 55.04 48.27 30.06
N GLU B 26 55.71 47.23 29.55
CA GLU B 26 55.15 46.45 28.46
C GLU B 26 53.98 45.62 28.96
N GLU B 27 53.03 45.38 28.06
CA GLU B 27 51.76 44.76 28.43
C GLU B 27 51.71 43.31 27.97
N ILE B 28 51.12 42.46 28.81
CA ILE B 28 50.97 41.03 28.57
C ILE B 28 49.51 40.67 28.77
N THR B 29 48.99 39.80 27.90
CA THR B 29 47.60 39.35 27.99
C THR B 29 47.57 37.83 27.92
N TYR B 30 47.00 37.21 28.95
CA TYR B 30 46.76 35.77 28.97
C TYR B 30 45.35 35.50 28.46
N SER B 31 45.24 34.65 27.44
CA SER B 31 43.96 34.23 26.92
C SER B 31 43.89 32.70 26.94
N CYS B 32 42.78 32.16 27.44
CA CYS B 32 42.60 30.72 27.47
C CYS B 32 42.47 30.18 26.05
N LYS B 33 42.94 28.95 25.85
CA LYS B 33 42.82 28.29 24.55
C LYS B 33 41.33 28.10 24.24
N PRO B 34 40.97 28.08 22.95
CA PRO B 34 39.55 27.91 22.59
C PRO B 34 39.01 26.58 23.09
N GLY B 35 37.72 26.58 23.43
CA GLY B 35 37.12 25.47 24.12
C GLY B 35 37.29 25.49 25.62
N TYR B 36 38.01 26.48 26.16
CA TYR B 36 38.21 26.64 27.59
C TYR B 36 37.71 28.01 28.02
N VAL B 37 37.16 28.07 29.24
CA VAL B 37 36.71 29.33 29.82
C VAL B 37 37.55 29.63 31.04
N SER B 38 37.71 30.92 31.33
CA SER B 38 38.58 31.36 32.41
C SER B 38 37.81 31.33 33.73
N SER B 39 38.14 30.35 34.57
CA SER B 39 37.75 30.46 35.98
C SER B 39 38.33 31.76 36.53
N GLU B 40 37.47 32.56 37.15
CA GLU B 40 37.70 33.99 37.19
C GLU B 40 39.02 34.37 37.87
N GLY B 41 39.43 35.59 37.59
CA GLY B 41 40.79 36.04 37.75
C GLY B 41 41.11 36.95 36.57
N VAL B 42 42.31 37.50 36.53
CA VAL B 42 42.69 38.45 35.47
C VAL B 42 44.05 38.05 34.92
N GLY B 43 44.23 38.23 33.61
CA GLY B 43 45.45 37.80 32.96
C GLY B 43 46.09 38.87 32.12
N LYS B 44 45.79 40.13 32.43
CA LYS B 44 46.41 41.29 31.79
C LYS B 44 47.39 41.88 32.78
N PHE B 45 48.69 41.74 32.52
CA PHE B 45 49.74 42.22 33.40
C PHE B 45 50.59 43.27 32.69
N ILE B 46 51.18 44.15 33.48
CA ILE B 46 52.14 45.13 33.01
C ILE B 46 53.45 44.88 33.74
N CYS B 47 54.53 44.75 32.99
CA CYS B 47 55.84 44.46 33.57
C CYS B 47 56.25 45.57 34.53
N PRO B 48 56.43 45.28 35.81
CA PRO B 48 56.81 46.33 36.76
C PRO B 48 58.28 46.69 36.65
N LEU B 49 58.64 47.77 37.34
CA LEU B 49 60.04 48.17 37.43
C LEU B 49 60.86 47.21 38.28
N THR B 50 60.20 46.44 39.16
CA THR B 50 60.91 45.45 39.95
C THR B 50 61.44 44.31 39.10
N GLY B 51 60.78 44.03 37.98
CA GLY B 51 61.16 42.92 37.12
C GLY B 51 60.55 41.59 37.49
N LEU B 52 59.67 41.55 38.49
CA LEU B 52 59.01 40.32 38.92
C LEU B 52 57.60 40.30 38.37
N TRP B 53 57.31 39.32 37.52
CA TRP B 53 55.96 39.16 37.02
C TRP B 53 55.01 38.90 38.18
N PRO B 54 53.89 39.61 38.28
CA PRO B 54 52.98 39.40 39.41
C PRO B 54 52.46 37.97 39.45
N ILE B 55 52.11 37.52 40.65
CA ILE B 55 51.58 36.18 40.83
C ILE B 55 50.34 36.00 39.97
N ASN B 56 50.22 34.83 39.35
CA ASN B 56 49.16 34.58 38.38
C ASN B 56 47.97 33.93 39.07
N THR B 57 46.82 34.60 39.02
CA THR B 57 45.58 34.09 39.59
C THR B 57 44.69 33.44 38.54
N LEU B 58 45.09 33.45 37.27
CA LEU B 58 44.23 32.97 36.21
C LEU B 58 44.11 31.45 36.23
N LYS B 59 42.89 30.97 36.01
CA LYS B 59 42.60 29.54 35.92
C LYS B 59 41.70 29.32 34.71
N CYS B 60 42.18 28.53 33.76
CA CYS B 60 41.40 28.20 32.56
C CYS B 60 40.85 26.79 32.71
N THR B 61 39.52 26.65 32.66
CA THR B 61 38.87 25.36 32.83
C THR B 61 37.98 25.05 31.63
N PRO B 62 37.82 23.79 31.27
CA PRO B 62 37.06 23.44 30.07
C PRO B 62 35.58 23.76 30.21
N ARG B 63 34.93 23.98 29.06
CA ARG B 63 33.49 24.09 29.02
C ARG B 63 32.84 22.75 29.31
N VAL B 64 31.64 22.79 29.87
CA VAL B 64 30.91 21.59 30.25
C VAL B 64 29.71 21.44 29.32
N CYS B 65 29.70 20.34 28.55
CA CYS B 65 28.57 20.04 27.69
C CYS B 65 27.37 19.60 28.54
N PRO B 66 26.16 19.68 27.99
CA PRO B 66 24.98 19.26 28.75
C PRO B 66 25.10 17.83 29.25
N PHE B 67 24.49 17.57 30.40
CA PHE B 67 24.59 16.26 31.05
C PHE B 67 24.04 15.16 30.15
N ALA B 68 24.80 14.07 30.05
CA ALA B 68 24.44 12.94 29.19
C ALA B 68 24.83 11.64 29.89
N GLY B 69 24.29 11.45 31.10
CA GLY B 69 24.64 10.29 31.89
C GLY B 69 23.59 9.20 31.87
N ILE B 70 22.35 9.57 31.56
CA ILE B 70 21.23 8.63 31.56
C ILE B 70 20.69 8.50 30.15
N LEU B 71 20.74 7.30 29.60
CA LEU B 71 20.14 6.96 28.32
C LEU B 71 19.02 5.98 28.57
N GLU B 72 17.80 6.35 28.19
CA GLU B 72 16.65 5.47 28.36
C GLU B 72 16.88 4.17 27.59
N ASN B 73 16.85 3.05 28.32
CA ASN B 73 17.08 1.73 27.76
C ASN B 73 18.49 1.59 27.17
N GLY B 74 19.46 2.27 27.76
CA GLY B 74 20.81 2.23 27.26
C GLY B 74 21.81 2.66 28.33
N ALA B 75 23.08 2.60 27.96
CA ALA B 75 24.18 2.97 28.85
C ALA B 75 25.14 3.91 28.13
N VAL B 76 25.84 4.72 28.90
CA VAL B 76 26.78 5.71 28.38
C VAL B 76 28.14 5.50 29.03
N ARG B 77 29.19 5.48 28.23
CA ARG B 77 30.57 5.30 28.71
C ARG B 77 31.26 6.65 28.67
N TYR B 78 31.26 7.35 29.80
CA TYR B 78 31.83 8.68 29.88
C TYR B 78 32.92 8.75 30.95
N THR B 79 33.77 9.76 30.83
CA THR B 79 34.69 10.13 31.90
C THR B 79 34.17 11.39 32.56
N THR B 80 34.39 12.54 31.92
CA THR B 80 33.77 13.80 32.29
C THR B 80 33.19 14.44 31.04
N PHE B 81 32.10 15.20 31.23
CA PHE B 81 31.47 15.91 30.12
C PHE B 81 32.14 17.27 29.91
N GLU B 82 33.44 17.21 29.60
CA GLU B 82 34.24 18.40 29.39
C GLU B 82 34.89 18.36 28.01
N TYR B 83 35.28 19.54 27.54
CA TYR B 83 36.11 19.63 26.35
C TYR B 83 37.44 18.96 26.62
N PRO B 84 37.95 18.12 25.70
CA PRO B 84 37.33 17.67 24.45
C PRO B 84 36.79 16.25 24.54
N ASN B 85 36.37 15.84 25.73
CA ASN B 85 36.14 14.43 26.01
C ASN B 85 34.99 13.86 25.18
N THR B 86 35.09 12.56 24.90
CA THR B 86 34.14 11.83 24.09
C THR B 86 33.35 10.85 24.95
N ILE B 87 32.12 10.56 24.54
CA ILE B 87 31.27 9.58 25.21
C ILE B 87 30.81 8.55 24.19
N SER B 88 30.56 7.34 24.66
CA SER B 88 30.13 6.23 23.81
C SER B 88 28.83 5.66 24.34
N PHE B 89 28.04 5.06 23.44
CA PHE B 89 26.71 4.60 23.77
C PHE B 89 26.55 3.11 23.49
N SER B 90 25.59 2.52 24.19
CA SER B 90 25.11 1.16 23.95
C SER B 90 23.64 1.13 24.34
N CYS B 91 22.88 0.24 23.70
CA CYS B 91 21.48 0.05 24.03
C CYS B 91 21.27 -1.34 24.60
N ASN B 92 20.20 -1.50 25.37
CA ASN B 92 19.87 -2.77 25.99
C ASN B 92 19.29 -3.73 24.95
N THR B 93 19.22 -5.01 25.34
CA THR B 93 18.72 -6.04 24.44
C THR B 93 17.27 -5.76 24.07
N GLY B 94 16.96 -5.93 22.78
CA GLY B 94 15.65 -5.61 22.26
C GLY B 94 15.52 -4.21 21.71
N PHE B 95 16.58 -3.41 21.78
CA PHE B 95 16.57 -2.03 21.31
C PHE B 95 17.67 -1.83 20.28
N TYR B 96 17.42 -0.93 19.33
CA TYR B 96 18.44 -0.48 18.40
C TYR B 96 18.70 1.01 18.62
N LEU B 97 19.94 1.43 18.37
CA LEU B 97 20.39 2.78 18.69
C LEU B 97 20.04 3.70 17.53
N ASN B 98 18.99 4.50 17.71
CA ASN B 98 18.53 5.45 16.69
C ASN B 98 19.29 6.75 16.87
N GLY B 99 20.52 6.77 16.36
CA GLY B 99 21.35 7.95 16.45
C GLY B 99 22.82 7.60 16.26
N ALA B 100 23.66 8.56 16.64
CA ALA B 100 25.09 8.43 16.40
C ALA B 100 25.70 7.38 17.33
N ASP B 101 26.84 6.82 16.88
CA ASP B 101 27.57 5.88 17.71
C ASP B 101 28.15 6.57 18.94
N SER B 102 28.75 7.74 18.75
CA SER B 102 29.37 8.47 19.84
C SER B 102 29.27 9.97 19.56
N ALA B 103 29.46 10.76 20.62
CA ALA B 103 29.38 12.21 20.53
C ALA B 103 30.58 12.84 21.23
N LYS B 104 30.93 14.05 20.79
CA LYS B 104 32.09 14.76 21.28
C LYS B 104 31.69 16.13 21.81
N CYS B 105 32.26 16.51 22.95
CA CYS B 105 32.09 17.85 23.49
C CYS B 105 32.95 18.81 22.68
N THR B 106 32.31 19.78 22.02
CA THR B 106 33.01 20.65 21.09
C THR B 106 33.50 21.91 21.77
N GLU B 107 34.08 22.82 20.98
CA GLU B 107 34.64 24.05 21.52
C GLU B 107 33.58 24.90 22.21
N GLU B 108 32.36 24.90 21.68
CA GLU B 108 31.30 25.76 22.17
C GLU B 108 30.47 25.10 23.27
N GLY B 109 30.94 24.01 23.85
CA GLY B 109 30.16 23.32 24.87
C GLY B 109 28.88 22.73 24.34
N LYS B 110 28.92 22.16 23.14
CA LYS B 110 27.76 21.55 22.51
C LYS B 110 28.07 20.10 22.18
N TRP B 111 27.01 19.29 22.10
CA TRP B 111 27.14 17.89 21.72
C TRP B 111 26.99 17.78 20.20
N SER B 112 28.06 17.35 19.53
CA SER B 112 28.06 17.15 18.09
C SER B 112 28.67 15.78 17.79
N PRO B 113 27.92 14.86 17.16
CA PRO B 113 26.52 15.05 16.76
C PRO B 113 25.57 14.94 17.95
N GLU B 114 24.31 15.33 17.76
CA GLU B 114 23.36 15.35 18.86
C GLU B 114 23.15 13.94 19.42
N LEU B 115 22.57 13.90 20.62
CA LEU B 115 22.54 12.68 21.40
C LEU B 115 21.50 11.70 20.84
N PRO B 116 21.84 10.42 20.79
CA PRO B 116 20.91 9.43 20.24
C PRO B 116 19.82 9.07 21.25
N VAL B 117 18.86 8.29 20.77
CA VAL B 117 17.84 7.69 21.62
C VAL B 117 17.76 6.20 21.30
N CYS B 118 17.68 5.38 22.33
CA CYS B 118 17.45 3.96 22.12
C CYS B 118 16.00 3.73 21.70
N ALA B 119 15.81 3.00 20.61
CA ALA B 119 14.48 2.76 20.07
C ALA B 119 14.15 1.28 20.09
N PRO B 120 12.88 0.93 20.29
CA PRO B 120 12.52 -0.49 20.37
C PRO B 120 12.56 -1.18 19.01
N ILE B 121 12.98 -2.43 19.01
CA ILE B 121 12.99 -3.24 17.80
C ILE B 121 11.58 -3.81 17.60
N ILE B 122 10.98 -3.52 16.45
CA ILE B 122 9.63 -3.96 16.15
C ILE B 122 9.66 -4.79 14.87
N CYS B 123 8.67 -5.68 14.74
CA CYS B 123 8.51 -6.49 13.56
C CYS B 123 7.15 -6.20 12.91
N PRO B 124 7.07 -6.19 11.59
CA PRO B 124 5.80 -5.92 10.92
C PRO B 124 4.84 -7.08 11.10
N PRO B 125 3.55 -6.88 10.81
CA PRO B 125 2.60 -7.99 10.87
C PRO B 125 3.05 -9.13 9.99
N PRO B 126 3.12 -10.35 10.52
CA PRO B 126 3.61 -11.48 9.73
C PRO B 126 2.62 -11.87 8.64
N SER B 127 3.16 -12.15 7.46
CA SER B 127 2.33 -12.60 6.36
C SER B 127 1.82 -14.02 6.64
N ILE B 128 0.57 -14.27 6.25
CA ILE B 128 -0.04 -15.57 6.50
C ILE B 128 0.38 -16.53 5.38
N PRO B 129 0.89 -17.71 5.72
CA PRO B 129 1.16 -18.70 4.67
C PRO B 129 -0.14 -19.31 4.17
N THR B 130 -0.11 -19.80 2.93
CA THR B 130 -1.31 -20.29 2.28
C THR B 130 -1.88 -21.49 3.03
N PHE B 131 -3.22 -21.55 3.10
CA PHE B 131 -3.96 -22.63 3.75
C PHE B 131 -3.69 -22.71 5.25
N ALA B 132 -3.34 -21.60 5.88
CA ALA B 132 -3.01 -21.60 7.30
C ALA B 132 -3.82 -20.52 8.01
N THR B 133 -4.00 -20.73 9.31
CA THR B 133 -4.67 -19.76 10.18
C THR B 133 -3.77 -19.45 11.38
N LEU B 134 -4.07 -18.33 12.02
CA LEU B 134 -3.31 -17.87 13.18
C LEU B 134 -3.93 -18.43 14.45
N ARG B 135 -3.24 -19.36 15.10
CA ARG B 135 -3.70 -19.86 16.39
C ARG B 135 -3.76 -18.73 17.42
N VAL B 136 -2.67 -18.00 17.57
CA VAL B 136 -2.59 -16.88 18.50
C VAL B 136 -1.72 -15.79 17.88
N TYR B 137 -2.15 -14.55 18.01
CA TYR B 137 -1.37 -13.41 17.56
C TYR B 137 -1.41 -12.32 18.62
N LYS B 138 -0.23 -11.97 19.14
CA LYS B 138 -0.11 -10.90 20.13
C LYS B 138 0.70 -9.74 19.55
N PRO B 139 0.05 -8.67 19.08
CA PRO B 139 0.81 -7.51 18.60
C PRO B 139 1.13 -6.55 19.73
N SER B 140 2.42 -6.45 20.07
CA SER B 140 2.81 -5.70 21.26
C SER B 140 2.69 -4.20 21.06
N ALA B 141 3.14 -3.69 19.91
CA ALA B 141 3.25 -2.25 19.68
C ALA B 141 2.55 -1.88 18.38
N GLY B 142 1.37 -1.27 18.49
CA GLY B 142 0.65 -0.73 17.35
C GLY B 142 0.48 -1.70 16.19
N ASN B 143 -0.03 -2.89 16.48
CA ASN B 143 -0.23 -3.98 15.53
C ASN B 143 1.08 -4.52 14.97
N ASN B 144 2.21 -4.11 15.54
CA ASN B 144 3.52 -4.63 15.15
C ASN B 144 4.11 -5.41 16.32
N SER B 145 4.57 -6.63 16.04
CA SER B 145 5.12 -7.46 17.11
C SER B 145 6.49 -6.94 17.55
N LEU B 146 6.75 -7.08 18.84
CA LEU B 146 7.99 -6.59 19.43
C LEU B 146 9.08 -7.67 19.33
N TYR B 147 10.25 -7.36 19.88
CA TYR B 147 11.36 -8.29 19.87
C TYR B 147 11.04 -9.52 20.71
N ARG B 148 11.47 -10.68 20.22
CA ARG B 148 11.29 -12.00 20.85
C ARG B 148 9.84 -12.44 20.92
N ASP B 149 8.92 -11.71 20.31
CA ASP B 149 7.53 -12.17 20.23
C ASP B 149 7.43 -13.36 19.27
N THR B 150 6.34 -14.10 19.40
CA THR B 150 6.13 -15.26 18.55
C THR B 150 4.65 -15.41 18.22
N ALA B 151 4.40 -16.00 17.04
CA ALA B 151 3.06 -16.35 16.60
C ALA B 151 3.09 -17.79 16.07
N VAL B 152 2.04 -18.54 16.36
CA VAL B 152 1.97 -19.96 16.02
C VAL B 152 0.98 -20.13 14.88
N PHE B 153 1.38 -20.89 13.86
CA PHE B 153 0.55 -21.15 12.70
C PHE B 153 -0.14 -22.51 12.80
N GLU B 154 -1.41 -22.53 12.43
CA GLU B 154 -2.18 -23.77 12.30
C GLU B 154 -2.52 -23.95 10.84
N CYS B 155 -2.20 -25.11 10.29
CA CYS B 155 -2.55 -25.42 8.91
C CYS B 155 -3.78 -26.33 8.89
N LEU B 156 -4.68 -26.06 7.96
CA LEU B 156 -6.03 -26.58 8.02
C LEU B 156 -6.07 -28.06 7.62
N PRO B 157 -7.11 -28.79 8.04
CA PRO B 157 -7.19 -30.22 7.71
C PRO B 157 -7.18 -30.48 6.22
N GLN B 158 -6.73 -31.69 5.86
CA GLN B 158 -6.42 -32.15 4.51
C GLN B 158 -5.09 -31.55 4.06
N HIS B 159 -4.60 -30.55 4.78
CA HIS B 159 -3.28 -29.99 4.55
C HIS B 159 -2.39 -30.28 5.75
N ALA B 160 -1.09 -30.45 5.51
CA ALA B 160 -0.13 -30.78 6.55
C ALA B 160 1.02 -29.79 6.53
N MET B 161 1.40 -29.30 7.71
CA MET B 161 2.49 -28.34 7.80
C MET B 161 3.84 -29.03 7.61
N PHE B 162 4.68 -28.44 6.76
CA PHE B 162 6.03 -28.94 6.52
C PHE B 162 7.10 -28.02 7.08
N GLY B 163 6.70 -27.10 7.98
CA GLY B 163 7.64 -26.19 8.60
C GLY B 163 7.37 -26.04 10.08
N ASN B 164 8.13 -25.16 10.72
CA ASN B 164 8.02 -24.99 12.16
C ASN B 164 6.69 -24.30 12.47
N ASP B 165 6.04 -24.71 13.55
CA ASP B 165 4.73 -24.14 13.85
C ASP B 165 4.80 -22.67 14.23
N THR B 166 5.89 -22.24 14.86
CA THR B 166 6.00 -20.90 15.44
C THR B 166 7.12 -20.11 14.79
N ILE B 167 6.88 -18.81 14.62
CA ILE B 167 7.88 -17.87 14.12
C ILE B 167 8.20 -16.89 15.24
N THR B 168 9.47 -16.51 15.36
CA THR B 168 9.91 -15.55 16.36
C THR B 168 10.44 -14.30 15.67
N CYS B 169 10.04 -13.13 16.18
CA CYS B 169 10.55 -11.87 15.66
C CYS B 169 11.99 -11.68 16.12
N THR B 170 12.90 -11.54 15.17
CA THR B 170 14.33 -11.55 15.45
C THR B 170 14.80 -10.14 15.82
N THR B 171 16.11 -9.99 15.95
CA THR B 171 16.74 -8.71 16.28
C THR B 171 17.01 -7.85 15.04
N HIS B 172 16.71 -8.37 13.85
CA HIS B 172 16.90 -7.63 12.61
C HIS B 172 15.61 -7.03 12.07
N GLY B 173 14.49 -7.19 12.78
CA GLY B 173 13.22 -6.70 12.33
C GLY B 173 12.46 -7.62 11.39
N ASN B 174 13.08 -8.69 10.90
CA ASN B 174 12.41 -9.67 10.06
C ASN B 174 12.07 -10.93 10.86
N TRP B 175 10.89 -11.46 10.60
CA TRP B 175 10.44 -12.69 11.25
C TRP B 175 11.38 -13.85 10.91
N THR B 176 11.39 -14.85 11.78
CA THR B 176 12.19 -16.04 11.51
C THR B 176 11.54 -16.83 10.37
N LYS B 177 12.30 -17.82 9.89
CA LYS B 177 11.96 -18.53 8.66
C LYS B 177 10.52 -19.06 8.71
N LEU B 178 9.77 -18.79 7.63
CA LEU B 178 8.35 -19.08 7.56
C LEU B 178 8.12 -20.56 7.24
N PRO B 179 7.10 -21.18 7.83
CA PRO B 179 6.77 -22.56 7.45
C PRO B 179 6.11 -22.63 6.09
N GLU B 180 6.52 -23.64 5.32
CA GLU B 180 5.93 -23.92 4.01
C GLU B 180 4.86 -24.98 4.20
N CYS B 181 3.59 -24.60 3.99
CA CYS B 181 2.50 -25.54 4.14
C CYS B 181 1.87 -25.86 2.79
N ARG B 182 1.74 -27.16 2.52
CA ARG B 182 1.05 -27.68 1.34
C ARG B 182 0.03 -28.71 1.81
N GLU B 183 -0.70 -29.31 0.86
CA GLU B 183 -1.72 -30.28 1.17
C GLU B 183 -1.42 -31.59 0.43
N VAL B 184 -1.89 -32.69 1.01
CA VAL B 184 -1.61 -34.02 0.48
C VAL B 184 -2.87 -34.87 0.51
N LYS B 185 -3.08 -35.65 -0.55
CA LYS B 185 -4.12 -36.66 -0.63
C LYS B 185 -3.48 -38.03 -0.45
N CYS B 186 -4.29 -39.02 -0.11
CA CYS B 186 -3.72 -40.29 0.31
C CYS B 186 -4.37 -41.46 -0.41
N PRO B 187 -3.58 -42.38 -0.97
CA PRO B 187 -4.15 -43.55 -1.63
C PRO B 187 -4.84 -44.48 -0.64
N PHE B 188 -5.70 -45.33 -1.18
CA PHE B 188 -6.48 -46.24 -0.36
C PHE B 188 -5.61 -47.38 0.15
N PRO B 189 -5.89 -47.89 1.35
CA PRO B 189 -5.11 -49.02 1.88
C PRO B 189 -5.63 -50.35 1.34
N SER B 190 -4.73 -51.11 0.73
CA SER B 190 -5.11 -52.38 0.13
C SER B 190 -5.46 -53.41 1.19
N ARG B 191 -6.43 -54.25 0.86
CA ARG B 191 -6.75 -55.38 1.71
C ARG B 191 -5.58 -56.35 1.71
N PRO B 192 -5.11 -56.80 2.87
CA PRO B 192 -4.03 -57.80 2.89
C PRO B 192 -4.55 -59.17 2.49
N ASP B 193 -3.70 -59.93 1.81
CA ASP B 193 -4.06 -61.29 1.43
C ASP B 193 -4.33 -62.11 2.67
N ASN B 194 -5.49 -62.78 2.69
CA ASN B 194 -5.96 -63.51 3.86
C ASN B 194 -6.15 -62.58 5.06
N GLY B 195 -6.70 -61.40 4.79
CA GLY B 195 -6.98 -60.41 5.82
C GLY B 195 -7.93 -59.37 5.28
N PHE B 196 -8.37 -58.47 6.16
CA PHE B 196 -9.28 -57.42 5.78
C PHE B 196 -8.73 -56.06 6.19
N VAL B 197 -9.25 -55.01 5.56
CA VAL B 197 -8.86 -53.64 5.81
C VAL B 197 -10.10 -52.80 6.09
N ASN B 198 -9.90 -51.71 6.83
CA ASN B 198 -10.98 -50.80 7.18
C ASN B 198 -10.52 -49.37 6.95
N TYR B 199 -11.47 -48.48 6.71
CA TYR B 199 -11.18 -47.07 6.47
C TYR B 199 -12.48 -46.29 6.64
N PRO B 200 -12.42 -44.95 6.71
CA PRO B 200 -13.65 -44.17 6.88
C PRO B 200 -14.50 -44.19 5.61
N ALA B 201 -15.75 -43.76 5.78
CA ALA B 201 -16.74 -43.78 4.70
C ALA B 201 -16.65 -42.47 3.92
N LYS B 202 -15.62 -42.38 3.09
CA LYS B 202 -15.35 -41.18 2.30
C LYS B 202 -14.90 -41.58 0.91
N PRO B 203 -15.18 -40.75 -0.10
CA PRO B 203 -14.70 -41.05 -1.46
C PRO B 203 -13.20 -40.96 -1.59
N THR B 204 -12.55 -40.06 -0.87
CA THR B 204 -11.10 -39.90 -0.92
C THR B 204 -10.57 -39.66 0.50
N LEU B 205 -9.34 -40.08 0.73
CA LEU B 205 -8.72 -40.03 2.04
C LEU B 205 -7.54 -39.06 2.02
N TYR B 206 -7.42 -38.26 3.09
CA TYR B 206 -6.34 -37.29 3.18
C TYR B 206 -5.41 -37.55 4.37
N TYR B 207 -4.80 -36.47 4.86
CA TYR B 207 -3.80 -36.56 5.92
C TYR B 207 -4.45 -36.83 7.27
N LYS B 208 -3.76 -37.63 8.08
CA LYS B 208 -4.19 -38.00 9.43
C LYS B 208 -5.61 -38.59 9.41
N ASP B 209 -5.76 -39.63 8.61
CA ASP B 209 -6.94 -40.49 8.63
C ASP B 209 -6.48 -41.90 9.00
N LYS B 210 -7.07 -42.44 10.07
CA LYS B 210 -6.64 -43.71 10.63
C LYS B 210 -7.45 -44.86 10.05
N ALA B 211 -6.75 -45.89 9.56
CA ALA B 211 -7.35 -47.04 8.92
C ALA B 211 -6.91 -48.30 9.67
N THR B 212 -7.86 -49.03 10.23
CA THR B 212 -7.57 -50.20 11.02
C THR B 212 -7.49 -51.46 10.16
N PHE B 213 -6.84 -52.48 10.71
CA PHE B 213 -6.63 -53.75 10.02
C PHE B 213 -7.09 -54.89 10.91
N GLY B 214 -7.31 -56.04 10.27
CA GLY B 214 -7.69 -57.24 10.99
C GLY B 214 -7.41 -58.47 10.16
N CYS B 215 -7.30 -59.60 10.83
CA CYS B 215 -6.99 -60.87 10.19
C CYS B 215 -8.02 -61.93 10.57
N HIS B 216 -8.17 -62.91 9.69
CA HIS B 216 -9.09 -64.01 9.95
C HIS B 216 -8.50 -64.95 11.01
N ASP B 217 -9.33 -65.90 11.44
CA ASP B 217 -8.88 -66.86 12.45
C ASP B 217 -7.74 -67.71 11.91
N GLY B 218 -6.78 -68.01 12.78
CA GLY B 218 -5.56 -68.68 12.37
C GLY B 218 -4.47 -67.77 11.86
N TYR B 219 -4.65 -66.45 11.97
CA TYR B 219 -3.69 -65.47 11.48
C TYR B 219 -3.41 -64.44 12.55
N SER B 220 -2.18 -63.95 12.55
CA SER B 220 -1.77 -62.80 13.35
C SER B 220 -1.39 -61.66 12.44
N LEU B 221 -1.33 -60.45 13.00
CA LEU B 221 -1.33 -59.24 12.19
C LEU B 221 0.02 -58.97 11.53
N ASP B 222 1.12 -59.14 12.26
CA ASP B 222 2.45 -58.79 11.76
C ASP B 222 2.47 -57.33 11.32
N GLY B 223 1.93 -56.47 12.17
CA GLY B 223 1.77 -55.08 11.79
C GLY B 223 1.40 -54.13 12.91
N PRO B 224 1.20 -52.86 12.54
CA PRO B 224 0.93 -51.81 13.53
C PRO B 224 -0.54 -51.67 13.93
N GLU B 225 -1.37 -52.65 13.62
CA GLU B 225 -2.79 -52.64 13.99
C GLU B 225 -3.54 -51.50 13.31
N GLU B 226 -3.24 -50.26 13.68
CA GLU B 226 -3.85 -49.09 13.07
C GLU B 226 -2.78 -48.24 12.40
N ILE B 227 -3.03 -47.86 11.15
CA ILE B 227 -2.09 -47.03 10.40
C ILE B 227 -2.80 -45.73 10.02
N GLU B 228 -2.01 -44.66 9.94
CA GLU B 228 -2.52 -43.36 9.54
C GLU B 228 -1.70 -42.86 8.34
N CYS B 229 -2.26 -41.88 7.65
CA CYS B 229 -1.63 -41.34 6.46
C CYS B 229 -0.65 -40.25 6.86
N THR B 230 0.60 -40.37 6.40
CA THR B 230 1.66 -39.49 6.85
C THR B 230 1.64 -38.17 6.09
N LYS B 231 2.62 -37.31 6.41
CA LYS B 231 2.71 -36.01 5.76
C LYS B 231 3.00 -36.15 4.27
N LEU B 232 3.79 -37.14 3.90
CA LEU B 232 4.33 -37.25 2.55
C LEU B 232 3.48 -38.10 1.62
N GLY B 233 2.36 -38.64 2.10
CA GLY B 233 1.47 -39.44 1.29
C GLY B 233 1.65 -40.94 1.46
N ASN B 234 2.87 -41.39 1.71
CA ASN B 234 3.08 -42.79 2.05
C ASN B 234 2.44 -43.11 3.39
N TRP B 235 2.00 -44.35 3.54
CA TRP B 235 1.34 -44.73 4.79
C TRP B 235 2.38 -44.99 5.88
N SER B 236 1.93 -44.95 7.13
CA SER B 236 2.83 -45.19 8.25
C SER B 236 3.50 -46.56 8.11
N ALA B 237 2.71 -47.59 7.80
CA ALA B 237 3.24 -48.90 7.47
C ALA B 237 2.14 -49.71 6.81
N MET B 238 2.54 -50.68 6.00
CA MET B 238 1.59 -51.56 5.33
C MET B 238 1.65 -52.94 5.98
N PRO B 239 0.62 -53.35 6.72
CA PRO B 239 0.67 -54.65 7.39
C PRO B 239 0.05 -55.76 6.56
N SER B 240 0.72 -56.91 6.53
CA SER B 240 0.25 -58.10 5.84
C SER B 240 -0.09 -59.15 6.87
N CYS B 241 -1.36 -59.57 6.90
CA CYS B 241 -1.75 -60.69 7.74
C CYS B 241 -0.98 -61.93 7.35
N LYS B 242 -0.57 -62.71 8.35
CA LYS B 242 0.21 -63.92 8.12
C LYS B 242 -0.20 -64.99 9.11
N ALA B 243 0.00 -66.24 8.73
CA ALA B 243 -0.59 -67.37 9.45
C ALA B 243 0.10 -67.60 10.79
N SER B 244 -0.69 -67.91 11.80
CA SER B 244 -0.14 -68.36 13.07
C SER B 244 0.44 -69.76 12.92
N CYS B 245 1.17 -70.18 13.94
CA CYS B 245 2.02 -71.36 13.88
C CYS B 245 1.40 -72.47 14.73
N LYS B 246 2.07 -73.62 14.74
CA LYS B 246 1.68 -74.75 15.55
C LYS B 246 2.90 -75.26 16.31
N VAL B 247 2.68 -75.70 17.55
CA VAL B 247 3.78 -76.19 18.38
C VAL B 247 4.39 -77.41 17.70
N PRO B 248 5.68 -77.38 17.35
CA PRO B 248 6.28 -78.47 16.58
C PRO B 248 6.83 -79.62 17.40
N VAL B 249 6.85 -79.50 18.73
CA VAL B 249 7.39 -80.54 19.60
C VAL B 249 6.38 -80.79 20.72
N LYS B 250 6.14 -82.07 21.01
CA LYS B 250 5.21 -82.42 22.10
C LYS B 250 5.72 -81.90 23.44
N LYS B 251 7.01 -82.09 23.72
CA LYS B 251 7.61 -81.67 24.98
C LYS B 251 8.99 -81.10 24.70
N ALA B 252 9.24 -79.88 25.16
CA ALA B 252 10.55 -79.27 25.02
C ALA B 252 10.66 -78.11 26.00
N THR B 253 11.88 -77.91 26.51
CA THR B 253 12.20 -76.75 27.34
C THR B 253 12.96 -75.77 26.45
N VAL B 254 12.35 -74.61 26.20
CA VAL B 254 12.92 -73.59 25.33
C VAL B 254 13.09 -72.32 26.12
N VAL B 255 13.99 -71.46 25.65
CA VAL B 255 14.20 -70.14 26.22
C VAL B 255 13.40 -69.14 25.40
N TYR B 256 12.34 -68.60 26.00
CA TYR B 256 11.51 -67.58 25.39
C TYR B 256 11.72 -66.27 26.13
N GLN B 257 12.06 -65.22 25.38
CA GLN B 257 12.27 -63.89 25.95
C GLN B 257 13.36 -63.91 27.04
N GLY B 258 14.43 -64.67 26.78
CA GLY B 258 15.48 -64.82 27.76
C GLY B 258 14.96 -65.37 29.08
N GLU B 259 14.32 -66.55 29.02
CA GLU B 259 13.75 -67.17 30.20
C GLU B 259 13.34 -68.60 29.88
N ARG B 260 13.74 -69.55 30.73
CA ARG B 260 13.33 -70.93 30.55
C ARG B 260 11.81 -71.05 30.68
N VAL B 261 11.22 -71.86 29.79
CA VAL B 261 9.79 -72.10 29.82
C VAL B 261 9.51 -73.38 29.04
N LYS B 262 8.40 -74.03 29.36
CA LYS B 262 7.96 -75.22 28.63
C LYS B 262 7.15 -74.76 27.42
N ILE B 263 7.57 -75.17 26.22
CA ILE B 263 6.98 -74.65 25.00
C ILE B 263 5.53 -75.09 24.88
N GLN B 264 5.22 -76.32 25.30
CA GLN B 264 3.84 -76.78 25.28
C GLN B 264 2.99 -76.00 26.29
N GLU B 265 3.58 -75.62 27.41
CA GLU B 265 2.87 -74.82 28.40
C GLU B 265 2.70 -73.38 27.93
N LYS B 266 3.73 -72.82 27.29
CA LYS B 266 3.73 -71.41 26.95
C LYS B 266 2.81 -71.10 25.78
N PHE B 267 2.89 -71.90 24.72
CA PHE B 267 2.11 -71.69 23.51
C PHE B 267 0.98 -72.73 23.37
N LYS B 268 0.32 -73.04 24.49
CA LYS B 268 -0.71 -74.07 24.48
C LYS B 268 -1.86 -73.71 23.54
N ASN B 269 -2.37 -72.49 23.66
CA ASN B 269 -3.47 -72.05 22.80
C ASN B 269 -3.01 -71.94 21.35
N GLY B 270 -1.85 -71.34 21.13
CA GLY B 270 -1.32 -71.22 19.78
C GLY B 270 0.04 -70.56 19.81
N MET B 271 0.76 -70.72 18.70
CA MET B 271 2.06 -70.12 18.50
C MET B 271 1.93 -69.07 17.40
N LEU B 272 2.21 -67.81 17.73
CA LEU B 272 1.95 -66.72 16.79
C LEU B 272 3.14 -66.55 15.85
N HIS B 273 2.98 -65.62 14.90
CA HIS B 273 3.94 -65.48 13.81
C HIS B 273 5.32 -65.08 14.33
N GLY B 274 5.39 -63.94 15.01
CA GLY B 274 6.69 -63.37 15.36
C GLY B 274 7.43 -64.09 16.46
N ASP B 275 6.78 -65.01 17.14
CA ASP B 275 7.37 -65.73 18.25
C ASP B 275 8.66 -66.40 17.88
N LYS B 276 9.72 -66.11 18.62
CA LYS B 276 11.02 -66.70 18.38
C LYS B 276 11.49 -67.40 19.64
N VAL B 277 11.95 -68.64 19.53
CA VAL B 277 12.41 -69.41 20.69
C VAL B 277 13.67 -70.15 20.33
N SER B 278 14.40 -70.65 21.32
CA SER B 278 15.67 -71.33 21.12
C SER B 278 15.64 -72.66 21.86
N PHE B 279 15.69 -73.75 21.09
CA PHE B 279 15.72 -75.08 21.69
C PHE B 279 17.10 -75.37 22.26
N PHE B 280 17.17 -76.42 23.06
CA PHE B 280 18.41 -76.80 23.70
C PHE B 280 18.98 -78.07 23.15
N CYS B 281 20.26 -78.06 22.80
CA CYS B 281 20.85 -79.27 22.29
C CYS B 281 22.22 -79.51 22.88
N LYS B 282 22.50 -80.76 23.17
CA LYS B 282 23.75 -81.19 23.79
C LYS B 282 24.90 -81.11 22.83
N ASN B 283 26.09 -81.16 23.35
CA ASN B 283 27.25 -81.08 22.51
C ASN B 283 27.77 -82.45 22.12
N LYS B 284 27.58 -83.45 22.99
CA LYS B 284 27.93 -84.90 22.84
C LYS B 284 29.38 -85.30 23.10
N GLU B 285 30.18 -84.25 23.10
CA GLU B 285 31.59 -84.23 23.35
C GLU B 285 31.71 -82.83 23.94
N LYS B 286 32.34 -82.82 25.11
CA LYS B 286 32.55 -81.69 26.05
C LYS B 286 31.32 -81.56 26.95
N LYS B 287 30.25 -82.23 26.55
CA LYS B 287 28.99 -82.24 27.25
C LYS B 287 28.54 -80.88 27.68
N CYS B 288 28.59 -79.92 26.78
CA CYS B 288 28.20 -78.57 27.09
C CYS B 288 26.95 -78.33 26.29
N SER B 289 25.88 -77.86 26.90
CA SER B 289 24.65 -77.69 26.15
C SER B 289 24.48 -76.34 25.53
N TYR B 290 24.45 -76.26 24.20
CA TYR B 290 24.30 -74.99 23.49
C TYR B 290 22.93 -74.77 22.94
N THR B 291 22.62 -73.52 22.63
CA THR B 291 21.33 -73.09 22.14
C THR B 291 21.50 -72.18 20.94
N GLU B 292 20.85 -72.53 19.83
CA GLU B 292 20.63 -71.61 18.72
C GLU B 292 19.14 -71.64 18.38
N ASP B 293 18.59 -70.46 18.11
CA ASP B 293 17.14 -70.32 18.03
C ASP B 293 16.60 -70.70 16.66
N ALA B 294 15.35 -71.14 16.66
CA ALA B 294 14.59 -71.38 15.44
C ALA B 294 13.21 -70.77 15.62
N GLN B 295 12.92 -69.74 14.85
CA GLN B 295 11.70 -68.97 14.96
C GLN B 295 10.71 -69.40 13.88
N CYS B 296 9.42 -69.21 14.16
CA CYS B 296 8.42 -69.58 13.17
C CYS B 296 8.28 -68.47 12.14
N ILE B 297 7.93 -68.87 10.93
CA ILE B 297 7.78 -67.95 9.80
C ILE B 297 6.47 -68.30 9.11
N ASP B 298 5.49 -67.40 9.21
CA ASP B 298 4.15 -67.62 8.67
C ASP B 298 3.59 -68.94 9.17
N GLY B 299 3.29 -69.87 8.24
CA GLY B 299 2.74 -71.14 8.65
C GLY B 299 3.76 -72.12 9.20
N THR B 300 5.00 -72.04 8.72
CA THR B 300 5.99 -73.08 8.98
C THR B 300 6.91 -72.70 10.13
N ILE B 301 7.09 -73.63 11.06
CA ILE B 301 8.12 -73.55 12.10
C ILE B 301 9.03 -74.75 11.94
N GLU B 302 10.34 -74.51 11.89
CA GLU B 302 11.34 -75.53 11.65
C GLU B 302 12.12 -75.80 12.92
N VAL B 303 12.14 -77.06 13.35
CA VAL B 303 12.90 -77.45 14.54
C VAL B 303 14.36 -77.61 14.15
N PRO B 304 15.31 -77.20 15.00
CA PRO B 304 16.73 -77.37 14.66
C PRO B 304 17.12 -78.83 14.58
N LYS B 305 18.14 -79.10 13.76
CA LYS B 305 18.61 -80.47 13.61
C LYS B 305 19.29 -80.97 14.88
N CYS B 306 19.88 -80.07 15.67
CA CYS B 306 20.55 -80.49 16.90
C CYS B 306 19.57 -80.98 17.95
N PHE B 307 18.37 -80.40 17.98
CA PHE B 307 17.36 -80.86 18.93
C PHE B 307 16.93 -82.28 18.62
N LYS B 308 16.83 -83.10 19.66
CA LYS B 308 16.51 -84.52 19.52
C LYS B 308 15.47 -84.90 20.56
N GLU B 309 14.53 -85.76 20.18
CA GLU B 309 13.38 -86.09 21.02
C GLU B 309 13.19 -87.60 21.09
N HIS B 310 14.24 -88.30 21.51
CA HIS B 310 14.13 -89.68 21.96
C HIS B 310 14.14 -89.79 23.48
N SER B 311 13.82 -88.69 24.17
CA SER B 311 14.01 -88.63 25.62
C SER B 311 13.02 -89.52 26.36
N SER B 312 11.75 -89.50 25.94
CA SER B 312 10.74 -90.28 26.63
C SER B 312 10.84 -91.78 26.35
N LEU B 313 11.62 -92.17 25.35
CA LEU B 313 11.77 -93.59 25.03
C LEU B 313 12.33 -94.37 26.22
N ALA B 314 13.34 -93.83 26.88
CA ALA B 314 14.04 -94.51 27.96
C ALA B 314 14.14 -93.61 29.18
N PHE B 315 14.18 -94.22 30.35
CA PHE B 315 14.27 -93.45 31.58
C PHE B 315 15.67 -92.90 31.83
N TRP B 316 16.70 -93.56 31.30
CA TRP B 316 18.07 -93.12 31.55
C TRP B 316 18.43 -91.86 30.78
N LYS B 317 17.68 -91.52 29.73
CA LYS B 317 18.03 -90.38 28.89
C LYS B 317 18.03 -89.09 29.70
N THR B 318 19.05 -88.27 29.47
CA THR B 318 19.16 -86.95 30.07
C THR B 318 18.79 -85.90 29.03
N ASP B 319 17.84 -85.05 29.35
CA ASP B 319 17.41 -84.06 28.41
C ASP B 319 18.47 -83.02 28.22
N ALA B 320 18.47 -82.43 27.04
CA ALA B 320 19.45 -81.43 26.64
C ALA B 320 19.38 -80.21 27.49
N SER B 321 18.17 -79.81 27.86
CA SER B 321 17.91 -78.63 28.67
C SER B 321 18.54 -78.70 30.03
N ASP B 322 18.56 -79.90 30.58
CA ASP B 322 19.13 -80.16 31.89
C ASP B 322 20.61 -80.43 31.77
N VAL B 323 21.32 -79.72 30.91
CA VAL B 323 22.74 -80.02 30.79
C VAL B 323 23.57 -78.78 31.04
N LYS B 324 24.71 -78.92 31.71
CA LYS B 324 25.53 -77.77 32.05
C LYS B 324 25.95 -77.05 30.81
N PRO B 325 25.88 -75.73 30.83
CA PRO B 325 26.16 -74.88 29.68
C PRO B 325 27.54 -74.32 29.59
N CYS B 326 27.73 -73.42 28.64
CA CYS B 326 29.00 -72.72 28.44
C CYS B 326 28.74 -71.23 28.20
C1 NAG C . -4.52 16.40 -14.11
C2 NAG C . -4.62 17.63 -13.23
C3 NAG C . -4.58 18.91 -14.07
C4 NAG C . -3.48 18.89 -15.14
C5 NAG C . -3.35 17.52 -15.82
C6 NAG C . -2.06 17.37 -16.59
C7 NAG C . -5.89 17.22 -11.17
C8 NAG C . -7.25 17.24 -10.52
N2 NAG C . -5.85 17.59 -12.45
O3 NAG C . -4.40 20.02 -13.21
O4 NAG C . -3.92 19.83 -16.12
O5 NAG C . -3.36 16.46 -14.86
O6 NAG C . -0.95 17.75 -15.79
O7 NAG C . -4.88 16.88 -10.55
C1 NAG C . -3.12 20.79 -16.89
C2 NAG C . -1.58 20.80 -16.70
C3 NAG C . -0.81 20.67 -18.04
C4 NAG C . -1.49 21.31 -19.25
C5 NAG C . -3.00 21.41 -19.11
C6 NAG C . -3.75 21.14 -20.39
C7 NAG C . -1.34 22.17 -14.67
C8 NAG C . -0.81 23.45 -14.10
N2 NAG C . -1.14 21.98 -15.98
O3 NAG C . -0.51 19.30 -18.33
O4 NAG C . -0.92 22.59 -19.55
O5 NAG C . -3.43 20.42 -18.19
O6 NAG C . -3.28 19.97 -21.05
O7 NAG C . -1.92 21.34 -13.97
C1 MAN C . -0.87 22.75 -20.99
C2 MAN C . 0.61 22.91 -21.46
C3 MAN C . 1.16 24.27 -21.07
C4 MAN C . 0.19 25.42 -21.44
C5 MAN C . -1.20 25.13 -20.86
C6 MAN C . -2.23 26.17 -21.26
O2 MAN C . 0.70 22.86 -22.89
O3 MAN C . 2.44 24.51 -21.66
O4 MAN C . 0.67 26.64 -20.92
O5 MAN C . -1.66 23.87 -21.37
O6 MAN C . -2.55 25.99 -22.63
C1 FUC C . 0.26 17.10 -16.25
C2 FUC C . 1.04 16.67 -14.98
C3 FUC C . 2.40 16.04 -15.35
C4 FUC C . 2.41 15.43 -16.77
C5 FUC C . 1.00 14.94 -17.18
C6 FUC C . 0.93 14.42 -18.61
O2 FUC C . 0.28 15.81 -14.14
O3 FUC C . 3.43 17.02 -15.28
O4 FUC C . 2.91 16.38 -17.72
O5 FUC C . -0.02 15.98 -17.08
C1 NAG D . -26.22 33.66 3.05
C2 NAG D . -26.86 34.92 2.49
C3 NAG D . -26.31 35.22 1.09
C4 NAG D . -24.79 35.27 1.12
C5 NAG D . -24.22 34.02 1.76
C6 NAG D . -22.72 34.08 1.96
C7 NAG D . -29.01 33.93 1.78
C8 NAG D . -30.51 34.02 1.91
N2 NAG D . -28.32 34.83 2.47
O3 NAG D . -26.84 36.45 0.63
O4 NAG D . -24.29 35.37 -0.22
O5 NAG D . -24.80 33.81 3.06
O6 NAG D . -22.24 35.41 2.00
O7 NAG D . -28.47 33.08 1.08
C1 NAG D . -23.79 36.71 -0.47
C2 NAG D . -22.46 36.60 -1.19
C3 NAG D . -21.86 37.98 -1.43
C4 NAG D . -22.88 39.11 -1.18
C5 NAG D . -24.31 38.76 -1.62
C6 NAG D . -24.51 38.92 -3.12
C7 NAG D . -20.46 35.18 -0.97
C8 NAG D . -19.61 34.36 -0.04
N2 NAG D . -21.53 35.77 -0.43
O3 NAG D . -21.36 38.06 -2.76
O4 NAG D . -22.86 39.51 0.18
O5 NAG D . -24.70 37.42 -1.28
O6 NAG D . -23.49 39.70 -3.71
O7 NAG D . -20.19 35.30 -2.16
C1 FUC D . -22.08 35.86 3.37
C2 FUC D . -21.21 34.84 4.15
C3 FUC D . -21.01 35.26 5.63
C4 FUC D . -21.12 36.80 5.81
C5 FUC D . -20.69 37.53 4.53
C6 FUC D . -20.78 39.04 4.65
O2 FUC D . -19.96 34.58 3.52
O3 FUC D . -21.99 34.65 6.46
O4 FUC D . -22.45 37.17 6.18
O5 FUC D . -21.51 37.17 3.38
C1 NAG E . 16.93 -10.81 8.30
C2 NAG E . 17.39 -12.16 7.76
C3 NAG E . 18.82 -12.43 8.21
C4 NAG E . 19.74 -11.24 7.92
C5 NAG E . 19.09 -9.88 8.23
C6 NAG E . 19.82 -8.72 7.60
C7 NAG E . 15.85 -14.03 7.34
C8 NAG E . 14.98 -15.07 7.97
N2 NAG E . 16.50 -13.22 8.20
O3 NAG E . 19.30 -13.58 7.52
O4 NAG E . 20.87 -11.30 8.79
O5 NAG E . 17.73 -9.81 7.76
O6 NAG E . 21.03 -9.13 6.97
O7 NAG E . 15.97 -13.90 6.13
C1 NAG E . 21.97 -12.17 8.47
C2 NAG E . 22.63 -11.82 7.14
C3 NAG E . 23.79 -10.83 7.35
C4 NAG E . 24.84 -11.38 8.30
C5 NAG E . 24.25 -12.45 9.21
C6 NAG E . 25.00 -12.58 10.52
C7 NAG E . 22.31 -13.72 5.61
C8 NAG E . 22.95 -14.90 4.97
N2 NAG E . 23.09 -13.00 6.42
O3 NAG E . 23.27 -9.60 7.86
O4 NAG E . 25.93 -11.94 7.55
O5 NAG E . 22.90 -12.08 9.54
O6 NAG E . 25.32 -11.31 11.05
O7 NAG E . 21.12 -13.44 5.43
C1 MAN E . 27.01 -10.97 7.52
C2 MAN E . 28.07 -11.47 6.51
C3 MAN E . 28.66 -12.81 6.95
C4 MAN E . 28.69 -13.02 8.50
C5 MAN E . 28.56 -11.71 9.34
C6 MAN E . 29.89 -10.97 9.54
O2 MAN E . 29.18 -10.56 6.41
O3 MAN E . 29.96 -13.03 6.40
O4 MAN E . 27.67 -13.94 8.89
O5 MAN E . 27.56 -10.76 8.83
O6 MAN E . 29.72 -10.02 10.60
C1 FUC E . 21.13 -8.63 5.62
C2 FUC E . 20.83 -9.80 4.66
C3 FUC E . 21.06 -9.37 3.21
C4 FUC E . 20.37 -8.02 2.87
C5 FUC E . 19.64 -7.35 4.07
C6 FUC E . 19.53 -5.85 3.88
O2 FUC E . 19.52 -10.36 4.83
O3 FUC E . 22.46 -9.21 2.97
O4 FUC E . 21.34 -7.12 2.35
O5 FUC E . 20.24 -7.54 5.39
C1 NAG F . 7.45 -43.01 1.84
C2 NAG F . 8.20 -42.06 0.87
C3 NAG F . 9.43 -41.43 1.53
C4 NAG F . 10.31 -42.45 2.24
C5 NAG F . 9.77 -43.86 2.05
C6 NAG F . 10.53 -44.90 2.83
C7 NAG F . 8.41 -42.13 -1.59
C8 NAG F . 7.87 -40.73 -1.59
N2 NAG F . 8.54 -42.72 -0.39
O3 NAG F . 9.02 -40.42 2.45
O4 NAG F . 11.64 -42.38 1.73
O5 NAG F . 8.41 -43.90 2.51
O6 NAG F . 10.76 -44.48 4.17
O7 NAG F . 8.71 -42.71 -2.63
C1 NAG F . 12.48 -41.72 2.70
C2 NAG F . 13.95 -42.12 2.43
C3 NAG F . 14.88 -41.40 3.41
C4 NAG F . 14.63 -39.89 3.37
C5 NAG F . 13.15 -39.59 3.60
C6 NAG F . 12.81 -38.13 3.46
C7 NAG F . 15.12 -44.22 1.93
C8 NAG F . 15.14 -45.69 2.12
N2 NAG F . 14.12 -43.56 2.52
O3 NAG F . 16.23 -41.67 3.07
O4 NAG F . 15.40 -39.25 4.37
O5 NAG F . 12.36 -40.29 2.63
O6 NAG F . 12.47 -37.79 2.13
O7 NAG F . 15.95 -43.63 1.24
C1 NAG G . -8.59 -5.98 -7.81
C2 NAG G . -7.20 -6.58 -7.93
C3 NAG G . -6.92 -7.54 -6.79
C4 NAG G . -6.95 -6.76 -5.49
C5 NAG G . -8.34 -6.19 -5.26
C6 NAG G . -8.33 -4.75 -4.78
C7 NAG G . -6.84 -6.60 -10.36
C8 NAG G . -6.68 -7.44 -11.58
N2 NAG G . -7.02 -7.25 -9.21
O3 NAG G . -5.65 -8.15 -6.96
O4 NAG G . -6.60 -7.61 -4.40
O5 NAG G . -9.17 -6.26 -6.44
O6 NAG G . -8.04 -4.67 -3.40
O7 NAG G . -6.82 -5.37 -10.42
C1 NAG H . -21.25 19.73 -13.01
C2 NAG H . -21.04 18.84 -14.23
C3 NAG H . -22.21 19.02 -15.20
C4 NAG H . -23.54 18.80 -14.48
C5 NAG H . -23.63 19.69 -13.26
C6 NAG H . -24.87 19.45 -12.43
C7 NAG H . -19.23 18.36 -15.83
C8 NAG H . -17.93 18.84 -16.40
N2 NAG H . -19.78 19.15 -14.90
O3 NAG H . -22.10 18.09 -16.28
O4 NAG H . -24.61 19.11 -15.37
O5 NAG H . -22.50 19.43 -12.39
O6 NAG H . -25.40 20.67 -11.93
O7 NAG H . -19.74 17.31 -16.19
C1 NAG I . 9.36 -26.18 15.92
C2 NAG I . 10.87 -26.40 16.19
C3 NAG I . 11.17 -27.29 17.35
C4 NAG I . 10.57 -26.56 18.51
C5 NAG I . 9.08 -26.34 18.30
C6 NAG I . 8.54 -25.60 19.52
C7 NAG I . 12.92 -26.47 14.97
C8 NAG I . 13.52 -26.24 13.63
N2 NAG I . 11.63 -26.75 15.00
O3 NAG I . 12.59 -27.30 17.53
O4 NAG I . 10.79 -27.29 19.71
O5 NAG I . 8.79 -25.60 17.10
O6 NAG I . 9.52 -24.69 20.03
O7 NAG I . 13.57 -26.38 15.99
#